data_5K4V
#
_entry.id   5K4V
#
_cell.length_a   90.399
_cell.length_b   131.530
_cell.length_c   55.020
_cell.angle_alpha   90.000
_cell.angle_beta   90.000
_cell.angle_gamma   90.000
#
_symmetry.space_group_name_H-M   'P 21 21 2'
#
loop_
_entity.id
_entity.type
_entity.pdbx_description
1 polymer 'L-threonine 3-dehydrogenase'
2 non-polymer NICOTINAMIDE-ADENINE-DINUCLEOTIDE
3 non-polymer 'ACETATE ION'
4 non-polymer GLYCEROL
5 non-polymer 'SODIUM ION'
6 water water
#
_entity_poly.entity_id   1
_entity_poly.type   'polypeptide(L)'
_entity_poly.pdbx_seq_one_letter_code
;MPRVLVTGALGQIGTDLSLALRDKFGADSVLVSDVVEPGAKHPLAGLKGVEKLDCLDSNGFEKLVKEFKPTWMYHLPAIM
SVRGEAEPDLAMDINVNTTRYALELARKYNIRIFIPSTIAAFGDKCGKTMTKDDTIMNPSTVYGVTKVYTELLGTWYRQK
YGVDFRSVRLPGIISAATLPGGGATDYAIHMYHSALLQKKCVCPVLPYESLPMMYMPDTLNSLVKIMEAPLEKLTRTVYN
ITGFSFSPSELRFSIERCTDRTIEVEYVEGPAQKIANSWPDSLDDSNARNDWGHQVKYDIDMMSEDMLRQIPILHGLPSL
;
_entity_poly.pdbx_strand_id   A,C
#
loop_
_chem_comp.id
_chem_comp.type
_chem_comp.name
_chem_comp.formula
ACT non-polymer 'ACETATE ION' 'C2 H3 O2 -1'
GOL non-polymer GLYCEROL 'C3 H8 O3'
NA non-polymer 'SODIUM ION' 'Na 1'
NAD non-polymer NICOTINAMIDE-ADENINE-DINUCLEOTIDE 'C21 H27 N7 O14 P2'
#
# COMPACT_ATOMS: atom_id res chain seq x y z
N MET A 1 19.89 8.44 27.08
CA MET A 1 19.43 9.64 26.30
C MET A 1 19.69 9.50 24.79
N PRO A 2 18.64 9.52 23.97
CA PRO A 2 18.77 9.30 22.56
C PRO A 2 19.31 10.46 21.74
N ARG A 3 19.84 10.16 20.57
CA ARG A 3 20.06 11.17 19.53
C ARG A 3 18.96 11.09 18.50
N VAL A 4 18.27 12.21 18.27
CA VAL A 4 17.02 12.22 17.58
C VAL A 4 17.11 13.03 16.31
N LEU A 5 16.70 12.39 15.23
CA LEU A 5 16.65 13.04 13.94
C LEU A 5 15.20 13.21 13.56
N VAL A 6 14.84 14.44 13.20
CA VAL A 6 13.53 14.74 12.65
C VAL A 6 13.62 15.26 11.21
N THR A 7 12.96 14.57 10.28
CA THR A 7 12.86 15.02 8.91
C THR A 7 11.50 15.69 8.70
N GLY A 8 11.42 16.60 7.73
CA GLY A 8 10.18 17.35 7.47
C GLY A 8 9.84 18.20 8.64
N ALA A 9 10.85 18.79 9.27
CA ALA A 9 10.74 19.39 10.55
C ALA A 9 10.07 20.75 10.67
N LEU A 10 9.91 21.48 9.54
CA LEU A 10 9.39 22.83 9.55
C LEU A 10 7.90 22.86 9.43
N GLY A 11 7.26 21.74 9.17
CA GLY A 11 5.82 21.63 9.15
C GLY A 11 5.08 21.81 10.47
N GLN A 12 3.79 21.51 10.43
CA GLN A 12 2.90 21.69 11.57
C GLN A 12 3.35 20.89 12.76
N ILE A 13 3.66 19.61 12.54
CA ILE A 13 3.99 18.73 13.65
C ILE A 13 5.44 18.91 13.99
N GLY A 14 6.32 19.02 12.98
CA GLY A 14 7.74 19.05 13.24
C GLY A 14 8.18 20.28 14.00
N THR A 15 7.56 21.39 13.73
CA THR A 15 7.87 22.61 14.43
C THR A 15 7.77 22.43 15.91
N ASP A 16 6.62 21.99 16.39
CA ASP A 16 6.47 21.77 17.84
C ASP A 16 7.21 20.58 18.38
N LEU A 17 7.27 19.49 17.59
CA LEU A 17 8.00 18.27 18.06
C LEU A 17 9.51 18.56 18.22
N SER A 18 10.08 19.27 17.25
CA SER A 18 11.46 19.74 17.33
C SER A 18 11.80 20.48 18.64
N LEU A 19 10.92 21.40 19.02
CA LEU A 19 11.08 22.16 20.24
C LEU A 19 10.90 21.29 21.48
N ALA A 20 9.86 20.46 21.51
CA ALA A 20 9.69 19.55 22.66
C ALA A 20 10.89 18.61 22.87
N LEU A 21 11.45 18.07 21.79
CA LEU A 21 12.56 17.11 21.92
C LEU A 21 13.84 17.75 22.43
N ARG A 22 14.18 18.90 21.85
CA ARG A 22 15.28 19.76 22.31
C ARG A 22 15.12 20.14 23.77
N ASP A 23 13.93 20.54 24.21
CA ASP A 23 13.82 20.85 25.60
C ASP A 23 13.88 19.58 26.45
N LYS A 24 13.29 18.47 26.02
CA LYS A 24 13.48 17.24 26.80
C LYS A 24 14.90 16.65 26.83
N PHE A 25 15.57 16.60 25.69
CA PHE A 25 16.82 15.87 25.58
C PHE A 25 18.04 16.76 25.40
N GLY A 26 17.78 18.05 25.19
CA GLY A 26 18.86 19.00 24.98
C GLY A 26 19.10 19.12 23.51
N ALA A 27 19.45 20.33 23.11
CA ALA A 27 19.57 20.68 21.70
C ALA A 27 20.72 19.95 20.98
N ASP A 28 21.76 19.61 21.73
CA ASP A 28 22.85 18.83 21.16
C ASP A 28 22.45 17.39 20.77
N SER A 29 21.39 16.87 21.40
CA SER A 29 20.88 15.54 21.07
C SER A 29 19.85 15.47 19.93
N VAL A 30 19.55 16.60 19.31
CA VAL A 30 18.41 16.66 18.40
C VAL A 30 18.87 17.40 17.17
N LEU A 31 18.81 16.74 16.03
CA LEU A 31 19.15 17.32 14.75
C LEU A 31 17.85 17.28 13.94
N VAL A 32 17.50 18.37 13.26
CA VAL A 32 16.26 18.43 12.47
C VAL A 32 16.50 19.01 11.07
N SER A 33 15.67 18.63 10.12
CA SER A 33 15.94 18.96 8.73
C SER A 33 14.65 19.10 7.95
N ASP A 34 14.75 19.73 6.78
CA ASP A 34 13.63 19.97 5.92
C ASP A 34 14.11 20.34 4.53
N VAL A 35 13.24 20.20 3.53
CA VAL A 35 13.60 20.47 2.15
C VAL A 35 13.85 21.95 1.93
N VAL A 36 13.28 22.79 2.79
CA VAL A 36 13.51 24.26 2.74
C VAL A 36 14.09 24.80 4.03
N GLU A 37 14.46 26.08 4.02
CA GLU A 37 15.00 26.74 5.21
C GLU A 37 13.91 27.47 5.94
N PRO A 38 14.04 27.57 7.25
CA PRO A 38 13.04 28.39 7.94
C PRO A 38 13.13 29.90 7.57
N GLY A 39 11.96 30.48 7.30
CA GLY A 39 11.79 31.93 7.24
C GLY A 39 12.18 32.53 8.57
N ALA A 40 12.51 33.81 8.55
CA ALA A 40 13.02 34.46 9.75
C ALA A 40 12.03 34.48 10.92
N LYS A 41 10.74 34.42 10.66
CA LYS A 41 9.79 34.33 11.76
C LYS A 41 9.39 32.89 12.13
N HIS A 42 9.99 31.88 11.53
CA HIS A 42 9.65 30.51 11.91
C HIS A 42 10.18 30.25 13.31
N PRO A 43 9.42 29.55 14.17
CA PRO A 43 9.98 29.19 15.47
C PRO A 43 11.33 28.47 15.46
N LEU A 44 11.76 27.86 14.36
CA LEU A 44 13.11 27.25 14.32
C LEU A 44 14.19 28.05 13.56
N ALA A 45 13.84 29.20 12.98
CA ALA A 45 14.88 30.17 12.56
C ALA A 45 15.91 30.44 13.69
N GLY A 46 17.16 30.54 13.32
CA GLY A 46 18.16 30.94 14.33
C GLY A 46 18.57 29.86 15.31
N LEU A 47 18.03 28.63 15.20
CA LEU A 47 18.48 27.56 16.10
C LEU A 47 19.51 26.73 15.31
N LYS A 48 20.49 26.19 16.03
CA LYS A 48 21.46 25.27 15.40
C LYS A 48 20.90 23.85 15.33
N GLY A 49 21.58 23.04 14.54
CA GLY A 49 21.07 21.73 14.17
C GLY A 49 19.73 21.77 13.42
N VAL A 50 19.59 22.74 12.52
CA VAL A 50 18.43 22.82 11.65
C VAL A 50 18.96 22.86 10.24
N GLU A 51 18.86 21.74 9.50
CA GLU A 51 19.53 21.57 8.22
C GLU A 51 18.58 21.57 7.08
N LYS A 52 19.15 21.80 5.90
CA LYS A 52 18.46 21.69 4.64
C LYS A 52 18.78 20.31 4.06
N LEU A 53 17.73 19.55 3.75
CA LEU A 53 17.90 18.19 3.24
C LEU A 53 16.62 17.88 2.53
N ASP A 54 16.76 17.55 1.26
CA ASP A 54 15.66 16.95 0.51
C ASP A 54 15.72 15.44 0.75
N CYS A 55 14.74 14.88 1.46
CA CYS A 55 14.74 13.40 1.69
C CYS A 55 14.59 12.57 0.41
N LEU A 56 14.19 13.17 -0.71
CA LEU A 56 14.25 12.43 -1.99
C LEU A 56 15.68 12.30 -2.51
N ASP A 57 16.63 12.98 -1.87
CA ASP A 57 18.04 12.88 -2.17
C ASP A 57 18.66 11.83 -1.25
N SER A 58 18.57 10.61 -1.72
CA SER A 58 19.01 9.39 -1.03
C SER A 58 20.38 9.57 -0.42
N ASN A 59 21.33 10.07 -1.21
CA ASN A 59 22.68 10.21 -0.78
C ASN A 59 22.85 11.24 0.32
N GLY A 60 22.18 12.36 0.13
CA GLY A 60 22.24 13.38 1.19
C GLY A 60 21.70 12.82 2.48
N PHE A 61 20.62 12.04 2.38
CA PHE A 61 19.84 11.61 3.60
C PHE A 61 20.80 10.69 4.36
N GLU A 62 21.46 9.80 3.61
CA GLU A 62 22.38 8.80 4.18
C GLU A 62 23.60 9.52 4.77
N LYS A 63 24.06 10.60 4.10
CA LYS A 63 25.23 11.39 4.60
C LYS A 63 24.89 12.02 5.92
N LEU A 64 23.71 12.59 6.03
CA LEU A 64 23.30 13.17 7.30
C LEU A 64 23.16 12.15 8.43
N VAL A 65 22.57 11.00 8.12
CA VAL A 65 22.44 9.90 9.09
C VAL A 65 23.79 9.34 9.56
N LYS A 66 24.67 9.07 8.60
CA LYS A 66 26.07 8.70 8.85
C LYS A 66 26.77 9.65 9.80
N GLU A 67 26.71 10.93 9.48
CA GLU A 67 27.40 11.96 10.27
C GLU A 67 26.81 12.12 11.69
N PHE A 68 25.49 12.12 11.81
CA PHE A 68 24.86 12.38 13.13
C PHE A 68 24.66 11.07 13.97
N LYS A 69 24.59 9.90 13.36
CA LYS A 69 24.29 8.61 14.11
C LYS A 69 23.09 8.69 15.07
N PRO A 70 21.90 9.01 14.53
CA PRO A 70 20.79 9.03 15.43
C PRO A 70 20.51 7.61 15.94
N THR A 71 19.89 7.55 17.11
CA THR A 71 19.28 6.31 17.64
C THR A 71 17.73 6.26 17.47
N TRP A 72 17.12 7.44 17.39
CA TRP A 72 15.75 7.63 17.02
C TRP A 72 15.65 8.54 15.76
N MET A 73 14.61 8.28 14.95
CA MET A 73 14.17 9.12 13.84
C MET A 73 12.63 9.29 13.80
N TYR A 74 12.19 10.52 13.63
CA TYR A 74 10.81 10.81 13.34
C TYR A 74 10.80 11.33 11.88
N HIS A 75 10.24 10.51 10.98
CA HIS A 75 10.21 10.83 9.58
C HIS A 75 8.84 11.41 9.23
N LEU A 76 8.81 12.74 9.18
CA LEU A 76 7.58 13.49 9.07
C LEU A 76 7.17 14.01 7.68
N PRO A 77 8.06 13.98 6.66
CA PRO A 77 7.61 14.51 5.37
C PRO A 77 6.43 13.73 4.72
N ALA A 78 5.44 14.50 4.29
CA ALA A 78 4.29 13.97 3.57
C ALA A 78 3.52 15.12 2.91
N ILE A 79 3.03 14.86 1.70
CA ILE A 79 2.00 15.62 1.06
C ILE A 79 0.67 15.09 1.55
N MET A 80 -0.20 15.98 1.96
CA MET A 80 -1.34 15.59 2.76
C MET A 80 -2.62 15.46 1.96
N SER A 81 -3.73 15.24 2.65
CA SER A 81 -4.92 14.62 2.06
C SER A 81 -5.50 15.42 0.90
N VAL A 82 -5.78 16.71 1.13
CA VAL A 82 -6.39 17.54 0.10
C VAL A 82 -5.39 17.89 -0.99
N ARG A 83 -4.21 18.38 -0.61
CA ARG A 83 -3.22 18.70 -1.59
C ARG A 83 -2.86 17.46 -2.48
N GLY A 84 -2.85 16.27 -1.90
CA GLY A 84 -2.45 15.08 -2.61
C GLY A 84 -3.39 14.69 -3.72
N GLU A 85 -4.68 14.97 -3.54
CA GLU A 85 -5.66 14.74 -4.58
C GLU A 85 -5.35 15.70 -5.74
N ALA A 86 -4.83 16.88 -5.41
CA ALA A 86 -4.48 17.87 -6.45
C ALA A 86 -3.09 17.60 -7.06
N GLU A 87 -2.21 16.89 -6.32
CA GLU A 87 -0.81 16.68 -6.77
C GLU A 87 -0.36 15.26 -6.45
N PRO A 88 -0.98 14.31 -7.14
CA PRO A 88 -0.82 12.91 -6.73
C PRO A 88 0.54 12.34 -7.06
N ASP A 89 1.16 12.87 -8.11
CA ASP A 89 2.55 12.57 -8.46
C ASP A 89 3.50 12.92 -7.30
N LEU A 90 3.36 14.13 -6.79
CA LEU A 90 4.14 14.65 -5.68
C LEU A 90 3.87 13.81 -4.41
N ALA A 91 2.61 13.46 -4.20
CA ALA A 91 2.20 12.62 -3.05
C ALA A 91 2.91 11.27 -3.09
N MET A 92 2.83 10.61 -4.25
CA MET A 92 3.46 9.31 -4.41
C MET A 92 5.00 9.38 -4.29
N ASP A 93 5.63 10.41 -4.83
CA ASP A 93 7.11 10.55 -4.72
C ASP A 93 7.52 10.71 -3.28
N ILE A 94 6.91 11.65 -2.58
CA ILE A 94 7.32 11.92 -1.22
C ILE A 94 6.87 10.82 -0.23
N ASN A 95 5.58 10.46 -0.25
CA ASN A 95 5.08 9.56 0.78
C ASN A 95 5.60 8.12 0.59
N VAL A 96 5.89 7.75 -0.67
CA VAL A 96 6.40 6.43 -0.91
C VAL A 96 7.94 6.43 -0.84
N ASN A 97 8.57 7.29 -1.65
CA ASN A 97 10.02 7.17 -1.82
C ASN A 97 10.83 7.65 -0.65
N THR A 98 10.42 8.73 0.03
CA THR A 98 11.20 9.17 1.19
C THR A 98 11.08 8.12 2.32
N THR A 99 9.90 7.49 2.43
CA THR A 99 9.54 6.57 3.49
C THR A 99 10.42 5.33 3.26
N ARG A 100 10.47 4.88 2.03
CA ARG A 100 11.39 3.81 1.64
C ARG A 100 12.87 4.15 1.93
N TYR A 101 13.31 5.37 1.69
CA TYR A 101 14.72 5.68 2.10
C TYR A 101 14.94 5.65 3.61
N ALA A 102 13.95 6.16 4.37
CA ALA A 102 14.04 6.36 5.81
C ALA A 102 14.12 4.98 6.51
N LEU A 103 13.36 4.03 5.97
CA LEU A 103 13.34 2.64 6.46
C LEU A 103 14.64 1.90 6.17
N GLU A 104 15.13 2.00 4.95
CA GLU A 104 16.42 1.42 4.63
C GLU A 104 17.57 1.99 5.51
N LEU A 105 17.55 3.30 5.75
CA LEU A 105 18.55 3.91 6.63
C LEU A 105 18.37 3.47 8.09
N ALA A 106 17.14 3.34 8.55
CA ALA A 106 16.85 2.79 9.89
C ALA A 106 17.43 1.37 10.02
N ARG A 107 17.21 0.56 9.02
CA ARG A 107 17.78 -0.77 8.95
C ARG A 107 19.32 -0.71 8.97
N LYS A 108 19.86 0.11 8.09
CA LYS A 108 21.30 0.16 7.85
C LYS A 108 22.06 0.76 9.05
N TYR A 109 21.42 1.71 9.75
CA TYR A 109 22.13 2.46 10.78
C TYR A 109 21.56 2.21 12.14
N ASN A 110 20.72 1.20 12.30
CA ASN A 110 20.28 0.75 13.58
C ASN A 110 19.43 1.84 14.30
N ILE A 111 18.39 2.36 13.66
CA ILE A 111 17.59 3.48 14.24
C ILE A 111 16.22 3.02 14.61
N ARG A 112 15.75 3.39 15.81
CA ARG A 112 14.31 3.27 16.09
C ARG A 112 13.58 4.33 15.25
N ILE A 113 12.70 3.91 14.34
CA ILE A 113 12.04 4.86 13.39
C ILE A 113 10.50 4.97 13.57
N PHE A 114 10.05 6.23 13.75
CA PHE A 114 8.68 6.61 13.79
C PHE A 114 8.25 7.23 12.47
N ILE A 115 7.20 6.68 11.86
CA ILE A 115 6.57 7.30 10.67
C ILE A 115 5.09 7.31 10.93
N PRO A 116 4.50 8.51 10.97
CA PRO A 116 3.09 8.58 11.33
C PRO A 116 2.18 8.03 10.26
N SER A 117 1.16 7.29 10.67
CA SER A 117 0.05 7.05 9.74
C SER A 117 -0.98 8.12 10.06
N THR A 118 -2.22 7.86 9.70
CA THR A 118 -3.29 8.82 9.80
C THR A 118 -4.65 8.13 9.72
N ILE A 119 -5.67 8.80 10.23
CA ILE A 119 -7.04 8.36 10.02
C ILE A 119 -7.40 8.32 8.52
N ALA A 120 -6.63 9.02 7.69
CA ALA A 120 -6.82 8.92 6.24
C ALA A 120 -6.44 7.54 5.64
N ALA A 121 -5.86 6.67 6.43
CA ALA A 121 -5.59 5.31 5.97
C ALA A 121 -6.89 4.49 5.91
N PHE A 122 -7.90 4.93 6.65
CA PHE A 122 -9.22 4.30 6.62
C PHE A 122 -10.06 4.86 5.50
N GLY A 123 -11.00 4.08 4.97
CA GLY A 123 -12.05 4.58 4.11
C GLY A 123 -13.39 4.03 4.63
N ASP A 124 -14.38 3.93 3.74
CA ASP A 124 -15.77 3.78 4.15
C ASP A 124 -16.19 2.38 4.64
N LYS A 125 -15.30 1.39 4.51
CA LYS A 125 -15.56 0.11 5.08
C LYS A 125 -14.88 -0.12 6.42
N CYS A 126 -14.28 0.90 6.98
CA CYS A 126 -13.52 0.69 8.20
C CYS A 126 -14.40 0.35 9.44
N GLY A 127 -15.67 0.82 9.44
CA GLY A 127 -16.51 0.86 10.66
C GLY A 127 -16.20 2.18 11.31
N LYS A 128 -16.95 3.21 10.92
CA LYS A 128 -16.69 4.58 11.31
C LYS A 128 -16.90 4.93 12.78
N THR A 129 -17.62 4.12 13.53
CA THR A 129 -17.77 4.41 14.97
C THR A 129 -16.78 3.63 15.76
N MET A 130 -15.94 4.34 16.51
CA MET A 130 -14.92 3.71 17.36
C MET A 130 -14.12 2.71 16.54
N THR A 131 -13.58 3.16 15.41
CA THR A 131 -12.87 2.29 14.48
C THR A 131 -11.75 1.55 15.20
N LYS A 132 -11.63 0.27 15.00
CA LYS A 132 -10.53 -0.53 15.63
C LYS A 132 -9.16 -0.44 14.96
N ASP A 133 -8.17 -0.99 15.64
CA ASP A 133 -6.80 -1.04 15.13
C ASP A 133 -6.72 -1.93 13.89
N ASP A 134 -7.38 -3.06 13.92
CA ASP A 134 -7.33 -3.98 12.80
C ASP A 134 -8.69 -3.99 12.15
N THR A 135 -8.78 -3.46 10.93
CA THR A 135 -10.03 -3.54 10.17
C THR A 135 -9.67 -3.47 8.65
N ILE A 136 -10.69 -3.40 7.84
CA ILE A 136 -10.59 -3.25 6.36
C ILE A 136 -10.12 -1.82 6.11
N MET A 137 -9.11 -1.70 5.25
CA MET A 137 -8.51 -0.44 4.93
C MET A 137 -8.74 -0.21 3.45
N ASN A 138 -9.60 0.76 3.12
CA ASN A 138 -9.99 1.11 1.74
C ASN A 138 -9.98 2.61 1.53
N PRO A 139 -8.84 3.25 1.77
CA PRO A 139 -8.72 4.70 1.70
C PRO A 139 -9.13 5.23 0.33
N SER A 140 -9.76 6.39 0.30
CA SER A 140 -10.25 6.94 -0.96
C SER A 140 -9.48 8.18 -1.41
N THR A 141 -8.31 8.42 -0.82
CA THR A 141 -7.39 9.47 -1.28
C THR A 141 -6.02 8.79 -1.52
N VAL A 142 -5.22 9.32 -2.40
CA VAL A 142 -3.92 8.76 -2.71
C VAL A 142 -2.99 8.89 -1.50
N TYR A 143 -3.20 9.93 -0.72
CA TYR A 143 -2.50 10.09 0.56
C TYR A 143 -2.75 8.88 1.52
N GLY A 144 -4.03 8.52 1.69
CA GLY A 144 -4.40 7.33 2.47
C GLY A 144 -3.76 6.04 1.96
N VAL A 145 -3.77 5.86 0.66
CA VAL A 145 -3.12 4.70 -0.01
C VAL A 145 -1.65 4.66 0.32
N THR A 146 -0.96 5.78 0.20
CA THR A 146 0.47 5.83 0.55
C THR A 146 0.70 5.62 2.02
N LYS A 147 -0.31 5.97 2.86
CA LYS A 147 -0.19 5.73 4.31
C LYS A 147 -0.41 4.26 4.73
N VAL A 148 -1.29 3.56 4.04
CA VAL A 148 -1.42 2.15 4.24
C VAL A 148 -0.14 1.43 3.76
N TYR A 149 0.39 1.86 2.65
CA TYR A 149 1.64 1.35 2.15
C TYR A 149 2.74 1.59 3.19
N THR A 150 2.72 2.76 3.82
CA THR A 150 3.70 3.04 4.86
C THR A 150 3.58 2.10 6.07
N GLU A 151 2.35 1.81 6.51
CA GLU A 151 2.15 0.96 7.68
C GLU A 151 2.68 -0.44 7.41
N LEU A 152 2.26 -0.95 6.25
CA LEU A 152 2.58 -2.25 5.77
C LEU A 152 4.05 -2.42 5.49
N LEU A 153 4.69 -1.48 4.81
CA LEU A 153 6.11 -1.62 4.49
C LEU A 153 6.95 -1.51 5.73
N GLY A 154 6.59 -0.57 6.60
CA GLY A 154 7.28 -0.46 7.92
C GLY A 154 7.16 -1.74 8.76
N THR A 155 5.97 -2.33 8.73
CA THR A 155 5.71 -3.54 9.43
C THR A 155 6.49 -4.68 8.80
N TRP A 156 6.62 -4.66 7.48
CA TRP A 156 7.48 -5.64 6.82
C TRP A 156 8.97 -5.49 7.26
N TYR A 157 9.44 -4.26 7.40
CA TYR A 157 10.86 -4.04 7.87
C TYR A 157 11.05 -4.58 9.30
N ARG A 158 10.04 -4.43 10.15
CA ARG A 158 10.11 -4.95 11.53
C ARG A 158 10.24 -6.47 11.54
N GLN A 159 9.46 -7.15 10.71
CA GLN A 159 9.37 -8.61 10.74
C GLN A 159 10.50 -9.24 9.99
N LYS A 160 10.85 -8.68 8.84
CA LYS A 160 11.93 -9.14 7.99
C LYS A 160 13.30 -8.82 8.59
N TYR A 161 13.53 -7.59 9.04
CA TYR A 161 14.90 -7.18 9.44
C TYR A 161 15.05 -6.85 10.94
N GLY A 162 13.94 -6.90 11.67
CA GLY A 162 13.93 -6.46 13.03
C GLY A 162 14.08 -4.97 13.22
N VAL A 163 13.84 -4.16 12.21
CA VAL A 163 13.77 -2.72 12.42
C VAL A 163 12.68 -2.35 13.47
N ASP A 164 13.03 -1.57 14.48
CA ASP A 164 12.05 -1.10 15.47
C ASP A 164 11.30 0.08 14.84
N PHE A 165 10.29 -0.29 14.06
CA PHE A 165 9.38 0.63 13.43
C PHE A 165 8.12 0.85 14.31
N ARG A 166 7.81 2.09 14.59
CA ARG A 166 6.62 2.46 15.38
C ARG A 166 5.83 3.53 14.70
N SER A 167 4.53 3.49 14.89
CA SER A 167 3.64 4.38 14.20
C SER A 167 2.36 4.59 14.97
N VAL A 168 1.74 5.75 14.81
CA VAL A 168 0.35 5.91 15.22
C VAL A 168 -0.43 6.46 14.06
N ARG A 169 -1.71 6.11 14.02
CA ARG A 169 -2.63 6.76 13.15
C ARG A 169 -3.06 8.06 13.81
N LEU A 170 -2.45 9.17 13.39
CA LEU A 170 -2.80 10.52 13.91
C LEU A 170 -4.21 10.92 13.47
N PRO A 171 -4.97 11.48 14.38
CA PRO A 171 -6.24 12.08 14.04
C PRO A 171 -5.94 13.49 13.51
N GLY A 172 -6.94 14.31 13.26
CA GLY A 172 -6.68 15.74 12.99
C GLY A 172 -5.91 16.42 14.16
N ILE A 173 -4.77 17.05 13.86
CA ILE A 173 -3.97 17.73 14.89
C ILE A 173 -4.17 19.25 14.86
N ILE A 174 -4.49 19.83 16.01
CA ILE A 174 -4.72 21.28 16.13
C ILE A 174 -3.51 21.91 16.88
N SER A 175 -2.99 23.02 16.35
CA SER A 175 -1.90 23.76 16.97
C SER A 175 -1.85 25.22 16.50
N ALA A 176 -1.12 26.04 17.25
CA ALA A 176 -1.09 27.46 16.94
C ALA A 176 0.14 27.86 16.12
N ALA A 177 1.26 27.22 16.36
CA ALA A 177 2.59 27.76 15.94
C ALA A 177 2.80 27.72 14.42
N THR A 178 2.78 26.55 13.80
CA THR A 178 2.91 26.56 12.34
C THR A 178 1.62 26.07 11.65
N LEU A 179 1.27 26.77 10.57
CA LEU A 179 0.05 26.54 9.80
C LEU A 179 0.12 25.20 9.07
N PRO A 180 -1.03 24.54 8.94
CA PRO A 180 -1.15 23.17 8.42
C PRO A 180 -0.85 23.08 6.96
N GLY A 181 -0.28 21.96 6.51
CA GLY A 181 -0.05 21.68 5.08
C GLY A 181 -1.37 21.61 4.34
N GLY A 182 -1.52 20.81 3.33
CA GLY A 182 -2.88 20.81 2.72
C GLY A 182 -3.80 19.69 3.15
N GLY A 183 -4.31 19.72 4.38
CA GLY A 183 -5.19 18.62 4.87
C GLY A 183 -6.70 18.93 5.02
N ALA A 184 -7.51 17.90 5.18
CA ALA A 184 -8.95 18.12 5.28
C ALA A 184 -9.40 18.74 6.62
N THR A 185 -8.61 18.55 7.67
CA THR A 185 -8.86 19.11 9.01
C THR A 185 -8.31 20.52 9.21
N ASP A 186 -7.73 21.10 8.18
CA ASP A 186 -7.16 22.42 8.26
C ASP A 186 -8.18 23.48 8.65
N TYR A 187 -9.43 23.30 8.23
CA TYR A 187 -10.51 24.23 8.59
C TYR A 187 -10.55 24.58 10.09
N ALA A 188 -10.16 23.62 10.93
CA ALA A 188 -10.27 23.76 12.38
C ALA A 188 -9.27 24.76 12.89
N ILE A 189 -8.04 24.71 12.35
CA ILE A 189 -7.07 25.78 12.63
C ILE A 189 -7.53 27.13 12.05
N HIS A 190 -7.90 27.13 10.75
CA HIS A 190 -8.36 28.37 10.08
C HIS A 190 -9.56 29.09 10.78
N MET A 191 -10.46 28.34 11.40
CA MET A 191 -11.61 28.94 12.11
C MET A 191 -11.17 29.82 13.30
N TYR A 192 -10.15 29.40 14.02
CA TYR A 192 -9.64 30.26 15.08
C TYR A 192 -9.06 31.58 14.50
N HIS A 193 -8.29 31.48 13.41
CA HIS A 193 -7.75 32.71 12.79
C HIS A 193 -8.90 33.67 12.42
N SER A 194 -9.89 33.14 11.70
CA SER A 194 -11.07 33.87 11.23
C SER A 194 -11.81 34.57 12.36
N ALA A 195 -11.98 33.88 13.49
CA ALA A 195 -12.56 34.43 14.72
C ALA A 195 -11.73 35.57 15.33
N LEU A 196 -10.41 35.42 15.37
CA LEU A 196 -9.60 36.48 15.94
C LEU A 196 -9.58 37.66 14.97
N LEU A 197 -9.50 37.40 13.67
CA LEU A 197 -9.51 38.46 12.65
C LEU A 197 -10.89 39.03 12.41
N GLN A 198 -11.92 38.44 13.02
CA GLN A 198 -13.31 38.78 12.76
C GLN A 198 -13.68 38.77 11.29
N LYS A 199 -13.38 37.69 10.60
CA LYS A 199 -13.67 37.61 9.18
C LYS A 199 -14.37 36.32 8.92
N LYS A 200 -15.20 36.29 7.88
CA LYS A 200 -16.02 35.09 7.62
C LYS A 200 -15.17 33.89 7.21
N CYS A 201 -15.37 32.75 7.88
CA CYS A 201 -14.64 31.51 7.57
C CYS A 201 -15.44 30.75 6.55
N VAL A 202 -14.85 30.38 5.42
CA VAL A 202 -15.57 29.51 4.49
C VAL A 202 -15.09 28.11 4.76
N CYS A 203 -15.94 27.25 5.32
CA CYS A 203 -15.56 25.91 5.78
C CYS A 203 -15.98 24.80 4.78
N PRO A 204 -15.00 24.06 4.24
CA PRO A 204 -15.25 23.09 3.16
C PRO A 204 -15.70 21.70 3.65
N VAL A 205 -15.69 21.50 4.97
CA VAL A 205 -16.24 20.34 5.65
C VAL A 205 -17.62 20.72 6.16
N LEU A 206 -18.63 19.92 5.85
CA LEU A 206 -20.00 20.13 6.31
C LEU A 206 -20.20 20.10 7.86
N PRO A 207 -21.21 20.86 8.37
CA PRO A 207 -21.25 21.19 9.84
C PRO A 207 -21.28 20.04 10.83
N TYR A 208 -21.82 18.90 10.42
CA TYR A 208 -21.92 17.73 11.29
C TYR A 208 -21.03 16.59 10.90
N GLU A 209 -19.99 16.83 10.09
CA GLU A 209 -19.02 15.80 9.81
C GLU A 209 -18.00 15.70 10.95
N SER A 210 -18.23 14.73 11.83
CA SER A 210 -17.36 14.43 12.96
C SER A 210 -16.08 13.79 12.52
N LEU A 211 -14.98 14.26 13.08
CA LEU A 211 -13.70 13.55 12.98
C LEU A 211 -12.97 13.47 14.33
N PRO A 212 -12.17 12.40 14.49
CA PRO A 212 -11.20 12.37 15.54
C PRO A 212 -10.20 13.53 15.45
N MET A 213 -9.90 14.13 16.59
CA MET A 213 -9.03 15.27 16.65
C MET A 213 -8.18 15.20 17.91
N MET A 214 -7.13 16.01 17.99
CA MET A 214 -6.30 16.09 19.22
C MET A 214 -5.59 17.42 19.23
N TYR A 215 -5.37 17.96 20.41
CA TYR A 215 -4.50 19.17 20.62
C TYR A 215 -3.03 18.84 20.81
N MET A 216 -2.17 19.64 20.19
CA MET A 216 -0.71 19.36 20.08
C MET A 216 -0.03 18.93 21.37
N PRO A 217 -0.30 19.59 22.50
CA PRO A 217 0.45 19.13 23.71
C PRO A 217 0.29 17.63 23.99
N ASP A 218 -0.94 17.12 23.81
CA ASP A 218 -1.26 15.72 23.94
C ASP A 218 -0.55 14.87 22.87
N THR A 219 -0.49 15.38 21.63
CA THR A 219 0.11 14.72 20.52
C THR A 219 1.60 14.58 20.75
N LEU A 220 2.26 15.66 21.18
CA LEU A 220 3.67 15.62 21.55
C LEU A 220 3.94 14.63 22.67
N ASN A 221 3.09 14.66 23.66
CA ASN A 221 3.25 13.72 24.77
C ASN A 221 3.33 12.29 24.31
N SER A 222 2.46 11.97 23.36
CA SER A 222 2.25 10.64 22.90
C SER A 222 3.33 10.27 21.90
N LEU A 223 3.75 11.22 21.06
CA LEU A 223 4.85 10.93 20.15
C LEU A 223 6.18 10.63 20.88
N VAL A 224 6.41 11.24 22.04
CA VAL A 224 7.61 10.91 22.81
C VAL A 224 7.38 9.58 23.56
N LYS A 225 6.16 9.45 24.10
CA LYS A 225 5.88 8.30 24.92
C LYS A 225 6.00 6.95 24.18
N ILE A 226 5.45 6.86 22.99
CA ILE A 226 5.55 5.59 22.23
C ILE A 226 7.02 5.29 21.83
N MET A 227 7.85 6.32 21.65
CA MET A 227 9.26 6.08 21.27
C MET A 227 10.10 5.72 22.46
N GLU A 228 9.67 6.16 23.64
CA GLU A 228 10.34 5.76 24.87
C GLU A 228 9.97 4.37 25.36
N ALA A 229 8.88 3.80 24.91
CA ALA A 229 8.45 2.55 25.49
C ALA A 229 9.42 1.40 25.13
N PRO A 230 9.59 0.47 26.08
CA PRO A 230 10.37 -0.73 25.77
C PRO A 230 9.63 -1.51 24.68
N LEU A 231 10.37 -2.02 23.72
CA LEU A 231 9.77 -2.72 22.60
C LEU A 231 8.84 -3.84 23.05
N GLU A 232 9.27 -4.54 24.12
CA GLU A 232 8.45 -5.60 24.74
C GLU A 232 7.05 -5.17 25.24
N LYS A 233 6.86 -3.89 25.51
CA LYS A 233 5.52 -3.38 25.84
C LYS A 233 4.62 -3.25 24.61
N LEU A 234 5.19 -3.23 23.41
CA LEU A 234 4.38 -3.04 22.21
C LEU A 234 3.82 -4.34 21.59
N THR A 235 2.50 -4.46 21.51
CA THR A 235 1.91 -5.64 20.85
C THR A 235 1.74 -5.43 19.32
N ARG A 236 2.07 -4.26 18.80
CA ARG A 236 1.84 -3.96 17.37
C ARG A 236 2.69 -2.83 16.96
N THR A 237 2.79 -2.64 15.66
CA THR A 237 3.56 -1.57 15.07
C THR A 237 2.79 -0.26 14.90
N VAL A 238 1.49 -0.36 14.61
CA VAL A 238 0.70 0.81 14.27
C VAL A 238 -0.45 0.95 15.26
N TYR A 239 -0.60 2.10 15.90
CA TYR A 239 -1.66 2.29 16.90
C TYR A 239 -2.60 3.42 16.54
N ASN A 240 -3.90 3.19 16.61
CA ASN A 240 -4.80 4.36 16.67
C ASN A 240 -4.52 5.14 17.89
N ILE A 241 -4.44 6.46 17.74
CA ILE A 241 -4.66 7.39 18.87
C ILE A 241 -5.69 8.49 18.55
N THR A 242 -6.47 8.83 19.56
CA THR A 242 -7.40 9.96 19.43
C THR A 242 -7.37 10.84 20.66
N GLY A 243 -7.88 12.06 20.48
CA GLY A 243 -8.01 13.02 21.53
C GLY A 243 -9.50 13.09 21.89
N PHE A 244 -10.27 13.79 21.09
CA PHE A 244 -11.72 13.74 21.17
C PHE A 244 -12.19 13.92 19.73
N SER A 245 -13.43 13.56 19.42
CA SER A 245 -14.00 13.83 18.13
C SER A 245 -14.76 15.15 18.18
N PHE A 246 -14.76 15.89 17.07
CA PHE A 246 -15.70 16.99 16.92
C PHE A 246 -15.99 17.27 15.48
N SER A 247 -17.09 17.96 15.29
CA SER A 247 -17.51 18.43 13.98
C SER A 247 -17.32 19.96 13.90
N PRO A 248 -17.38 20.56 12.68
CA PRO A 248 -17.21 22.02 12.54
C PRO A 248 -18.21 22.84 13.37
N SER A 249 -19.46 22.40 13.40
CA SER A 249 -20.49 23.11 14.20
C SER A 249 -20.11 23.09 15.67
N GLU A 250 -19.65 21.95 16.17
CA GLU A 250 -19.18 21.88 17.56
C GLU A 250 -17.97 22.77 17.86
N LEU A 251 -16.96 22.76 17.01
CA LEU A 251 -15.84 23.63 17.18
C LEU A 251 -16.29 25.09 17.18
N ARG A 252 -17.19 25.42 16.27
CA ARG A 252 -17.68 26.77 16.22
C ARG A 252 -18.34 27.16 17.57
N PHE A 253 -19.17 26.28 18.12
CA PHE A 253 -19.81 26.54 19.39
C PHE A 253 -18.74 26.78 20.44
N SER A 254 -17.67 25.97 20.40
CA SER A 254 -16.60 26.10 21.39
C SER A 254 -15.94 27.49 21.32
N ILE A 255 -15.57 27.89 20.11
CA ILE A 255 -14.94 29.17 19.88
C ILE A 255 -15.87 30.32 20.30
N GLU A 256 -17.13 30.25 19.95
CA GLU A 256 -18.09 31.30 20.28
C GLU A 256 -18.29 31.42 21.77
N ARG A 257 -18.28 30.30 22.49
CA ARG A 257 -18.51 30.41 23.90
C ARG A 257 -17.26 30.98 24.58
N CYS A 258 -16.06 30.80 24.02
CA CYS A 258 -14.86 31.39 24.60
C CYS A 258 -14.72 32.85 24.25
N THR A 259 -15.14 33.25 23.05
CA THR A 259 -14.98 34.65 22.68
C THR A 259 -16.25 35.45 23.03
N ASP A 260 -17.31 34.76 23.44
CA ASP A 260 -18.59 35.42 23.57
C ASP A 260 -18.95 36.29 22.38
N ARG A 261 -18.51 35.88 21.20
CA ARG A 261 -18.78 36.56 19.96
C ARG A 261 -19.26 35.49 18.96
N THR A 262 -20.22 35.83 18.11
CA THR A 262 -20.60 34.97 16.98
C THR A 262 -19.50 34.98 15.96
N ILE A 263 -19.22 33.84 15.31
CA ILE A 263 -18.35 33.92 14.13
C ILE A 263 -19.13 33.62 12.86
N GLU A 264 -18.76 34.28 11.77
CA GLU A 264 -19.44 34.10 10.49
C GLU A 264 -18.84 32.87 9.83
N VAL A 265 -19.66 31.87 9.53
CA VAL A 265 -19.17 30.67 8.89
C VAL A 265 -20.11 30.26 7.77
N GLU A 266 -19.56 30.09 6.57
CA GLU A 266 -20.33 29.57 5.44
C GLU A 266 -19.78 28.19 5.13
N TYR A 267 -20.67 27.21 5.14
CA TYR A 267 -20.30 25.84 4.91
C TYR A 267 -20.42 25.56 3.46
N VAL A 268 -19.32 25.14 2.83
CA VAL A 268 -19.44 24.54 1.50
C VAL A 268 -18.94 23.12 1.58
N GLU A 269 -19.22 22.33 0.57
CA GLU A 269 -18.59 21.04 0.53
C GLU A 269 -17.53 21.08 -0.54
N GLY A 270 -16.33 21.40 -0.11
CA GLY A 270 -15.15 21.29 -0.94
C GLY A 270 -14.70 19.85 -1.00
N PRO A 271 -13.54 19.60 -1.64
CA PRO A 271 -12.99 18.24 -1.66
C PRO A 271 -12.79 17.67 -0.24
N ALA A 272 -12.36 18.53 0.70
CA ALA A 272 -12.25 18.16 2.12
C ALA A 272 -13.48 17.42 2.67
N GLN A 273 -14.69 17.79 2.22
CA GLN A 273 -15.88 17.16 2.77
C GLN A 273 -16.00 15.73 2.35
N LYS A 274 -15.80 15.49 1.06
CA LYS A 274 -15.96 14.12 0.50
C LYS A 274 -14.87 13.20 1.07
N ILE A 275 -13.69 13.76 1.31
CA ILE A 275 -12.57 13.04 1.90
C ILE A 275 -12.90 12.68 3.35
N ALA A 276 -13.15 13.73 4.14
CA ALA A 276 -13.54 13.60 5.55
C ALA A 276 -14.74 12.69 5.79
N ASN A 277 -15.70 12.72 4.88
CA ASN A 277 -16.85 11.76 4.93
C ASN A 277 -16.46 10.29 4.86
N SER A 278 -15.30 10.01 4.22
CA SER A 278 -14.78 8.67 4.09
C SER A 278 -14.05 8.22 5.32
N TRP A 279 -13.74 9.16 6.23
CA TRP A 279 -12.99 8.85 7.46
C TRP A 279 -13.83 8.50 8.69
N PRO A 280 -13.24 7.85 9.67
CA PRO A 280 -14.00 7.56 10.88
C PRO A 280 -14.58 8.83 11.50
N ASP A 281 -15.71 8.71 12.20
CA ASP A 281 -16.16 9.71 13.13
C ASP A 281 -15.35 9.70 14.42
N SER A 282 -15.02 8.49 14.90
CA SER A 282 -14.30 8.30 16.15
C SER A 282 -13.43 7.06 16.05
N LEU A 283 -12.32 7.04 16.82
CA LEU A 283 -11.45 5.89 16.95
C LEU A 283 -11.44 5.14 18.33
N ASP A 284 -11.26 3.84 18.28
CA ASP A 284 -10.89 3.08 19.46
C ASP A 284 -9.37 3.06 19.60
N ASP A 285 -8.87 3.73 20.64
CA ASP A 285 -7.42 3.77 20.92
C ASP A 285 -7.00 3.03 22.21
N SER A 286 -7.74 2.01 22.56
CA SER A 286 -7.47 1.29 23.83
C SER A 286 -6.17 0.50 23.83
N ASN A 287 -5.74 0.02 22.68
CA ASN A 287 -4.49 -0.67 22.58
C ASN A 287 -3.38 0.31 22.88
N ALA A 288 -3.49 1.53 22.36
CA ALA A 288 -2.48 2.54 22.69
C ALA A 288 -2.48 2.92 24.20
N ARG A 289 -3.68 3.10 24.78
CA ARG A 289 -3.80 3.38 26.24
C ARG A 289 -3.17 2.21 27.02
N ASN A 290 -3.51 1.00 26.65
CA ASN A 290 -3.07 -0.16 27.43
C ASN A 290 -1.59 -0.53 27.27
N ASP A 291 -1.05 -0.55 26.05
CA ASP A 291 0.32 -0.97 25.80
C ASP A 291 1.32 0.04 26.31
N TRP A 292 1.13 1.34 26.02
CA TRP A 292 2.14 2.33 26.38
C TRP A 292 1.64 3.60 27.04
N GLY A 293 0.40 3.64 27.49
CA GLY A 293 -0.06 4.78 28.25
C GLY A 293 -0.38 6.06 27.49
N HIS A 294 -0.96 5.93 26.30
CA HIS A 294 -1.53 7.09 25.58
C HIS A 294 -2.60 7.76 26.43
N GLN A 295 -2.46 9.07 26.64
CA GLN A 295 -3.42 9.79 27.45
C GLN A 295 -3.54 11.19 26.94
N VAL A 296 -4.73 11.75 27.16
CA VAL A 296 -5.17 13.05 26.65
C VAL A 296 -5.57 13.93 27.82
N LYS A 297 -4.99 15.11 27.90
CA LYS A 297 -5.26 16.06 28.95
C LYS A 297 -6.33 17.10 28.54
N TYR A 298 -6.35 17.47 27.25
CA TYR A 298 -7.19 18.57 26.75
C TYR A 298 -8.52 18.08 26.25
N ASP A 299 -9.58 18.82 26.56
CA ASP A 299 -10.82 18.73 25.82
C ASP A 299 -11.01 19.96 24.91
N ILE A 300 -12.15 20.04 24.26
CA ILE A 300 -12.30 20.99 23.19
C ILE A 300 -12.22 22.43 23.70
N ASP A 301 -12.76 22.69 24.89
CA ASP A 301 -12.80 24.08 25.38
C ASP A 301 -11.50 24.57 25.92
N MET A 302 -10.80 23.69 26.63
CA MET A 302 -9.42 24.00 27.04
C MET A 302 -8.54 24.23 25.79
N MET A 303 -8.77 23.47 24.72
CA MET A 303 -7.98 23.69 23.53
C MET A 303 -8.35 25.07 22.94
N SER A 304 -9.64 25.40 22.84
CA SER A 304 -10.00 26.64 22.20
C SER A 304 -9.42 27.84 22.93
N GLU A 305 -9.52 27.79 24.24
CA GLU A 305 -8.94 28.80 25.12
C GLU A 305 -7.44 28.94 24.93
N ASP A 306 -6.71 27.83 24.84
CA ASP A 306 -5.27 27.94 24.58
C ASP A 306 -4.97 28.49 23.19
N MET A 307 -5.75 28.08 22.19
CA MET A 307 -5.53 28.51 20.81
C MET A 307 -5.84 30.01 20.70
N LEU A 308 -6.88 30.45 21.39
CA LEU A 308 -7.25 31.85 21.33
C LEU A 308 -6.21 32.74 22.00
N ARG A 309 -5.50 32.22 23.01
CA ARG A 309 -4.40 32.94 23.70
C ARG A 309 -3.13 32.95 22.87
N GLN A 310 -2.82 31.80 22.28
CA GLN A 310 -1.55 31.62 21.59
C GLN A 310 -1.42 32.16 20.17
N ILE A 311 -2.48 32.11 19.37
CA ILE A 311 -2.36 32.58 18.03
C ILE A 311 -2.00 34.10 17.95
N PRO A 312 -2.63 34.99 18.75
CA PRO A 312 -2.24 36.41 18.71
C PRO A 312 -0.75 36.62 18.98
N ILE A 313 -0.28 36.01 20.05
CA ILE A 313 1.12 36.03 20.49
C ILE A 313 2.06 35.47 19.42
N LEU A 314 1.66 34.39 18.75
CA LEU A 314 2.58 33.73 17.85
C LEU A 314 2.53 34.28 16.45
N HIS A 315 1.40 34.89 16.09
CA HIS A 315 1.20 35.38 14.73
C HIS A 315 0.92 36.88 14.66
N GLY A 316 0.76 37.53 15.81
CA GLY A 316 0.45 38.97 15.85
C GLY A 316 -1.00 39.36 15.66
N LEU A 317 -1.91 38.39 15.49
CA LEU A 317 -3.32 38.71 15.22
C LEU A 317 -3.97 39.49 16.38
N PRO A 318 -5.15 40.12 16.13
CA PRO A 318 -5.82 40.89 17.19
C PRO A 318 -6.03 40.09 18.47
N SER A 319 -5.38 40.55 19.53
CA SER A 319 -5.32 39.83 20.80
C SER A 319 -6.61 39.95 21.63
N LEU A 320 -6.47 40.22 22.94
CA LEU A 320 -7.57 40.09 23.94
C LEU A 320 -8.88 40.75 23.54
N MET B 1 -14.30 -4.05 -31.64
CA MET B 1 -13.77 -4.94 -30.57
C MET B 1 -12.38 -4.44 -30.09
N PRO B 2 -11.75 -5.12 -29.14
CA PRO B 2 -10.57 -4.43 -28.52
C PRO B 2 -9.20 -4.52 -29.20
N ARG B 3 -8.38 -3.54 -28.84
CA ARG B 3 -6.95 -3.52 -29.03
C ARG B 3 -6.34 -3.70 -27.64
N VAL B 4 -5.50 -4.72 -27.52
CA VAL B 4 -4.96 -5.19 -26.24
C VAL B 4 -3.43 -5.09 -26.17
N LEU B 5 -2.95 -4.25 -25.26
CA LEU B 5 -1.55 -4.24 -24.89
C LEU B 5 -1.34 -5.17 -23.68
N VAL B 6 -0.42 -6.12 -23.81
CA VAL B 6 0.06 -6.89 -22.65
C VAL B 6 1.46 -6.44 -22.38
N THR B 7 1.75 -5.99 -21.15
CA THR B 7 3.14 -5.78 -20.69
C THR B 7 3.55 -6.94 -19.75
N GLY B 8 4.86 -7.17 -19.55
CA GLY B 8 5.35 -8.36 -18.85
C GLY B 8 4.88 -9.63 -19.52
N ALA B 9 4.82 -9.58 -20.85
CA ALA B 9 4.11 -10.62 -21.58
C ALA B 9 4.86 -11.94 -21.75
N LEU B 10 6.13 -12.02 -21.42
CA LEU B 10 6.93 -13.22 -21.73
C LEU B 10 7.07 -14.18 -20.55
N GLY B 11 6.47 -13.81 -19.40
CA GLY B 11 6.56 -14.62 -18.18
C GLY B 11 5.52 -15.73 -18.17
N GLN B 12 5.37 -16.34 -17.01
CA GLN B 12 4.46 -17.47 -16.86
C GLN B 12 3.01 -17.25 -17.35
N ILE B 13 2.39 -16.19 -16.85
CA ILE B 13 1.02 -15.89 -17.25
C ILE B 13 1.03 -15.27 -18.64
N GLY B 14 1.91 -14.32 -18.85
CA GLY B 14 1.84 -13.60 -20.12
C GLY B 14 2.01 -14.49 -21.36
N THR B 15 2.79 -15.57 -21.23
CA THR B 15 3.06 -16.40 -22.41
C THR B 15 1.75 -16.99 -22.94
N ASP B 16 0.97 -17.58 -22.05
CA ASP B 16 -0.26 -18.24 -22.45
C ASP B 16 -1.36 -17.23 -22.77
N LEU B 17 -1.47 -16.14 -21.98
CA LEU B 17 -2.52 -15.13 -22.24
C LEU B 17 -2.30 -14.42 -23.55
N SER B 18 -1.06 -14.13 -23.87
CA SER B 18 -0.72 -13.53 -25.16
C SER B 18 -1.25 -14.40 -26.30
N LEU B 19 -0.99 -15.69 -26.22
CA LEU B 19 -1.46 -16.64 -27.24
C LEU B 19 -2.98 -16.70 -27.30
N ALA B 20 -3.62 -16.79 -26.14
CA ALA B 20 -5.09 -16.86 -26.10
C ALA B 20 -5.73 -15.61 -26.66
N LEU B 21 -5.16 -14.44 -26.37
CA LEU B 21 -5.72 -13.16 -26.84
C LEU B 21 -5.60 -13.01 -28.35
N ARG B 22 -4.46 -13.39 -28.90
CA ARG B 22 -4.21 -13.45 -30.34
C ARG B 22 -5.19 -14.38 -31.07
N ASP B 23 -5.34 -15.60 -30.56
CA ASP B 23 -6.37 -16.50 -31.06
C ASP B 23 -7.70 -15.80 -31.10
N LYS B 24 -8.10 -15.18 -29.99
CA LYS B 24 -9.47 -14.70 -29.84
C LYS B 24 -9.77 -13.45 -30.66
N PHE B 25 -8.77 -12.60 -30.83
CA PHE B 25 -8.99 -11.26 -31.32
C PHE B 25 -8.27 -10.92 -32.62
N GLY B 26 -7.38 -11.79 -33.07
CA GLY B 26 -6.52 -11.55 -34.20
C GLY B 26 -5.21 -11.02 -33.68
N ALA B 27 -4.11 -11.56 -34.18
CA ALA B 27 -2.76 -11.06 -33.93
C ALA B 27 -2.65 -9.57 -34.10
N ASP B 28 -3.35 -9.00 -35.10
CA ASP B 28 -3.34 -7.54 -35.30
C ASP B 28 -3.93 -6.72 -34.15
N SER B 29 -4.78 -7.29 -33.31
CA SER B 29 -5.40 -6.50 -32.24
C SER B 29 -4.68 -6.61 -30.90
N VAL B 30 -3.53 -7.30 -30.90
CA VAL B 30 -2.82 -7.59 -29.67
C VAL B 30 -1.34 -7.23 -29.86
N LEU B 31 -0.84 -6.42 -28.93
CA LEU B 31 0.55 -6.05 -28.91
C LEU B 31 1.04 -6.52 -27.57
N VAL B 32 2.11 -7.31 -27.61
CA VAL B 32 2.69 -7.82 -26.38
C VAL B 32 4.12 -7.33 -26.25
N SER B 33 4.47 -6.94 -25.03
CA SER B 33 5.72 -6.31 -24.72
C SER B 33 6.32 -6.85 -23.46
N ASP B 34 7.65 -6.79 -23.39
CA ASP B 34 8.39 -7.25 -22.23
C ASP B 34 9.73 -6.63 -22.29
N VAL B 35 10.41 -6.62 -21.14
CA VAL B 35 11.71 -5.99 -21.04
C VAL B 35 12.82 -6.83 -21.68
N VAL B 36 12.59 -8.13 -21.86
CA VAL B 36 13.48 -8.98 -22.66
C VAL B 36 12.81 -9.37 -23.95
N GLU B 37 13.62 -9.84 -24.89
CA GLU B 37 13.12 -10.47 -26.12
C GLU B 37 12.86 -11.97 -25.85
N PRO B 38 11.88 -12.56 -26.53
CA PRO B 38 11.70 -14.02 -26.46
C PRO B 38 12.96 -14.81 -26.85
N GLY B 39 13.28 -15.86 -26.11
CA GLY B 39 14.35 -16.75 -26.54
C GLY B 39 13.91 -17.65 -27.68
N ALA B 40 14.86 -18.26 -28.38
CA ALA B 40 14.58 -19.12 -29.53
C ALA B 40 13.48 -20.16 -29.27
N LYS B 41 13.48 -20.75 -28.07
CA LYS B 41 12.49 -21.78 -27.70
C LYS B 41 11.13 -21.24 -27.21
N HIS B 42 10.97 -19.92 -27.21
CA HIS B 42 9.85 -19.33 -26.50
C HIS B 42 8.62 -19.38 -27.43
N PRO B 43 7.45 -19.76 -26.90
CA PRO B 43 6.25 -19.80 -27.72
C PRO B 43 5.96 -18.52 -28.54
N LEU B 44 6.43 -17.39 -28.08
CA LEU B 44 6.19 -16.15 -28.78
C LEU B 44 7.36 -15.78 -29.71
N ALA B 45 8.40 -16.60 -29.81
CA ALA B 45 9.55 -16.26 -30.66
C ALA B 45 9.20 -16.10 -32.17
N GLY B 46 9.87 -15.15 -32.81
CA GLY B 46 9.62 -14.76 -34.19
C GLY B 46 8.20 -14.36 -34.59
N LEU B 47 7.37 -13.88 -33.66
CA LEU B 47 6.03 -13.40 -34.03
C LEU B 47 6.08 -11.91 -34.22
N LYS B 48 5.19 -11.41 -35.07
CA LYS B 48 4.97 -9.99 -35.16
C LYS B 48 4.12 -9.67 -33.91
N GLY B 49 4.01 -8.40 -33.56
CA GLY B 49 3.21 -7.99 -32.43
C GLY B 49 3.89 -8.22 -31.10
N VAL B 50 5.24 -8.25 -31.12
CA VAL B 50 6.05 -8.52 -29.95
C VAL B 50 7.16 -7.49 -29.77
N GLU B 51 7.02 -6.61 -28.81
CA GLU B 51 7.97 -5.55 -28.64
C GLU B 51 8.80 -5.67 -27.38
N LYS B 52 9.90 -4.94 -27.39
CA LYS B 52 10.75 -4.72 -26.26
C LYS B 52 10.44 -3.36 -25.59
N LEU B 53 9.98 -3.42 -24.33
CA LEU B 53 9.69 -2.21 -23.51
C LEU B 53 10.01 -2.43 -22.04
N ASP B 54 10.81 -1.55 -21.46
CA ASP B 54 11.06 -1.56 -20.02
C ASP B 54 10.01 -0.60 -19.42
N CYS B 55 9.07 -1.14 -18.63
CA CYS B 55 7.97 -0.34 -18.08
C CYS B 55 8.39 0.65 -16.99
N LEU B 56 9.64 0.62 -16.53
CA LEU B 56 10.15 1.68 -15.64
C LEU B 56 10.43 2.96 -16.39
N ASP B 57 10.48 2.90 -17.72
CA ASP B 57 10.75 4.05 -18.54
C ASP B 57 9.40 4.66 -18.92
N SER B 58 9.00 5.64 -18.14
CA SER B 58 7.66 6.21 -18.29
C SER B 58 7.37 6.83 -19.67
N ASN B 59 8.34 7.55 -20.22
CA ASN B 59 8.20 8.08 -21.57
C ASN B 59 8.15 6.99 -22.61
N GLY B 60 8.91 5.92 -22.41
CA GLY B 60 8.87 4.79 -23.40
C GLY B 60 7.52 4.07 -23.38
N PHE B 61 7.02 3.84 -22.16
CA PHE B 61 5.73 3.22 -21.94
C PHE B 61 4.64 4.06 -22.63
N GLU B 62 4.68 5.37 -22.39
CA GLU B 62 3.73 6.25 -23.03
C GLU B 62 3.87 6.29 -24.54
N LYS B 63 5.10 6.26 -25.03
CA LYS B 63 5.31 6.21 -26.47
C LYS B 63 4.57 5.06 -27.05
N LEU B 64 4.75 3.86 -26.50
CA LEU B 64 4.07 2.71 -27.07
C LEU B 64 2.53 2.79 -26.93
N VAL B 65 1.99 3.29 -25.80
CA VAL B 65 0.57 3.42 -25.70
C VAL B 65 0.04 4.43 -26.78
N LYS B 66 0.76 5.49 -26.99
CA LYS B 66 0.38 6.48 -28.01
C LYS B 66 0.35 5.89 -29.44
N GLU B 67 1.37 5.10 -29.80
CA GLU B 67 1.40 4.48 -31.12
C GLU B 67 0.39 3.36 -31.33
N PHE B 68 0.18 2.54 -30.32
CA PHE B 68 -0.67 1.37 -30.53
C PHE B 68 -2.12 1.70 -30.28
N LYS B 69 -2.41 2.64 -29.39
CA LYS B 69 -3.78 2.98 -28.97
C LYS B 69 -4.66 1.84 -28.40
N PRO B 70 -4.20 1.15 -27.34
CA PRO B 70 -5.04 0.06 -26.87
C PRO B 70 -6.37 0.57 -26.29
N THR B 71 -7.40 -0.24 -26.36
CA THR B 71 -8.56 -0.03 -25.53
C THR B 71 -8.43 -0.85 -24.21
N TRP B 72 -7.61 -1.93 -24.21
CA TRP B 72 -7.41 -2.80 -23.05
C TRP B 72 -5.90 -2.91 -22.79
N MET B 73 -5.57 -2.98 -21.50
CA MET B 73 -4.23 -3.28 -21.05
C MET B 73 -4.21 -4.37 -19.97
N TYR B 74 -3.39 -5.42 -20.17
CA TYR B 74 -3.00 -6.33 -19.10
C TYR B 74 -1.61 -5.98 -18.64
N HIS B 75 -1.48 -5.37 -17.48
CA HIS B 75 -0.14 -5.01 -16.98
C HIS B 75 0.39 -6.09 -16.04
N LEU B 76 1.25 -6.97 -16.58
CA LEU B 76 1.72 -8.12 -15.77
C LEU B 76 3.10 -8.07 -15.06
N PRO B 77 3.94 -7.07 -15.34
CA PRO B 77 5.26 -7.32 -14.72
C PRO B 77 5.28 -7.20 -13.21
N ALA B 78 5.86 -8.18 -12.55
CA ALA B 78 6.07 -8.07 -11.13
C ALA B 78 7.20 -8.98 -10.71
N ILE B 79 7.93 -8.58 -9.67
CA ILE B 79 8.84 -9.45 -8.95
C ILE B 79 8.03 -10.11 -7.88
N MET B 80 8.17 -11.44 -7.77
CA MET B 80 7.24 -12.22 -6.95
C MET B 80 7.71 -12.54 -5.55
N SER B 81 6.94 -13.35 -4.84
CA SER B 81 7.03 -13.58 -3.38
C SER B 81 8.42 -13.91 -2.83
N VAL B 82 9.03 -14.98 -3.34
CA VAL B 82 10.31 -15.44 -2.87
C VAL B 82 11.45 -14.60 -3.40
N ARG B 83 11.45 -14.34 -4.70
CA ARG B 83 12.47 -13.49 -5.27
C ARG B 83 12.41 -12.06 -4.65
N GLY B 84 11.21 -11.59 -4.32
CA GLY B 84 11.07 -10.29 -3.68
C GLY B 84 11.79 -10.14 -2.32
N GLU B 85 11.78 -11.18 -1.50
CA GLU B 85 12.35 -11.19 -0.17
C GLU B 85 13.85 -11.09 -0.27
N ALA B 86 14.42 -11.71 -1.29
CA ALA B 86 15.82 -11.62 -1.61
C ALA B 86 16.18 -10.35 -2.31
N GLU B 87 15.30 -9.77 -3.11
CA GLU B 87 15.72 -8.60 -3.88
C GLU B 87 14.68 -7.53 -3.71
N PRO B 88 14.49 -7.06 -2.48
CA PRO B 88 13.35 -6.16 -2.25
C PRO B 88 13.40 -4.80 -2.92
N ASP B 89 14.59 -4.31 -3.28
CA ASP B 89 14.66 -3.01 -4.00
C ASP B 89 14.09 -3.17 -5.39
N LEU B 90 14.40 -4.30 -6.00
CA LEU B 90 13.89 -4.59 -7.30
C LEU B 90 12.34 -4.71 -7.25
N ALA B 91 11.85 -5.41 -6.26
CA ALA B 91 10.43 -5.60 -6.06
C ALA B 91 9.70 -4.26 -5.84
N MET B 92 10.32 -3.38 -5.04
CA MET B 92 9.69 -2.09 -4.79
C MET B 92 9.60 -1.22 -6.08
N ASP B 93 10.68 -1.15 -6.87
CA ASP B 93 10.68 -0.39 -8.12
C ASP B 93 9.64 -0.89 -9.11
N ILE B 94 9.75 -2.15 -9.46
CA ILE B 94 8.93 -2.67 -10.54
C ILE B 94 7.48 -2.60 -10.11
N ASN B 95 7.18 -3.22 -8.96
CA ASN B 95 5.78 -3.43 -8.55
C ASN B 95 5.03 -2.15 -8.23
N VAL B 96 5.72 -1.14 -7.68
CA VAL B 96 5.08 0.13 -7.41
C VAL B 96 5.19 1.07 -8.62
N ASN B 97 6.39 1.26 -9.18
CA ASN B 97 6.55 2.30 -10.24
C ASN B 97 5.95 1.95 -11.59
N THR B 98 6.04 0.69 -12.00
CA THR B 98 5.40 0.33 -13.24
C THR B 98 3.88 0.38 -13.15
N THR B 99 3.35 -0.14 -12.05
CA THR B 99 1.91 -0.01 -11.77
C THR B 99 1.46 1.46 -11.87
N ARG B 100 2.24 2.36 -11.29
CA ARG B 100 1.89 3.76 -11.28
C ARG B 100 1.86 4.38 -12.69
N TYR B 101 2.86 4.03 -13.53
CA TYR B 101 2.92 4.53 -14.93
C TYR B 101 1.79 3.92 -15.70
N ALA B 102 1.54 2.63 -15.51
CA ALA B 102 0.46 1.99 -16.21
C ALA B 102 -0.94 2.61 -15.88
N LEU B 103 -1.19 2.95 -14.62
CA LEU B 103 -2.49 3.57 -14.24
C LEU B 103 -2.59 4.98 -14.79
N GLU B 104 -1.45 5.66 -14.74
CA GLU B 104 -1.44 7.00 -15.24
C GLU B 104 -1.75 7.00 -16.75
N LEU B 105 -1.18 6.06 -17.51
CA LEU B 105 -1.48 5.95 -18.92
C LEU B 105 -2.93 5.52 -19.21
N ALA B 106 -3.47 4.64 -18.39
CA ALA B 106 -4.87 4.20 -18.54
C ALA B 106 -5.86 5.38 -18.37
N ARG B 107 -5.51 6.35 -17.53
CA ARG B 107 -6.29 7.53 -17.33
C ARG B 107 -6.20 8.48 -18.54
N LYS B 108 -4.98 8.87 -18.90
CA LYS B 108 -4.71 9.81 -19.96
C LYS B 108 -5.29 9.30 -21.26
N TYR B 109 -5.18 8.00 -21.53
CA TYR B 109 -5.52 7.39 -22.84
C TYR B 109 -6.76 6.54 -22.86
N ASN B 110 -7.54 6.61 -21.78
CA ASN B 110 -8.83 5.98 -21.66
C ASN B 110 -8.78 4.49 -21.93
N ILE B 111 -7.97 3.80 -21.13
CA ILE B 111 -7.74 2.40 -21.32
C ILE B 111 -8.37 1.65 -20.17
N ARG B 112 -9.08 0.57 -20.49
CA ARG B 112 -9.51 -0.44 -19.52
C ARG B 112 -8.31 -1.31 -19.11
N ILE B 113 -8.00 -1.34 -17.83
CA ILE B 113 -6.68 -1.82 -17.38
C ILE B 113 -6.86 -2.88 -16.32
N PHE B 114 -6.20 -4.01 -16.56
CA PHE B 114 -6.13 -5.10 -15.64
C PHE B 114 -4.70 -5.14 -15.07
N ILE B 115 -4.64 -5.25 -13.76
CA ILE B 115 -3.41 -5.53 -13.04
C ILE B 115 -3.72 -6.63 -12.01
N PRO B 116 -3.05 -7.76 -12.11
CA PRO B 116 -3.38 -8.78 -11.16
C PRO B 116 -2.90 -8.44 -9.75
N SER B 117 -3.69 -8.87 -8.80
CA SER B 117 -3.21 -8.92 -7.46
C SER B 117 -3.01 -10.42 -7.20
N THR B 118 -3.05 -10.81 -5.95
CA THR B 118 -2.57 -12.12 -5.54
C THR B 118 -3.03 -12.45 -4.11
N ILE B 119 -3.03 -13.73 -3.80
CA ILE B 119 -3.29 -14.16 -2.41
C ILE B 119 -2.18 -13.68 -1.45
N ALA B 120 -1.01 -13.36 -2.00
CA ALA B 120 0.10 -12.84 -1.19
C ALA B 120 -0.25 -11.49 -0.54
N ALA B 121 -1.29 -10.84 -1.02
CA ALA B 121 -1.78 -9.64 -0.39
C ALA B 121 -2.42 -9.88 0.94
N PHE B 122 -2.74 -11.14 1.22
CA PHE B 122 -3.26 -11.54 2.51
C PHE B 122 -2.13 -11.98 3.41
N GLY B 123 -2.38 -11.86 4.73
CA GLY B 123 -1.48 -12.37 5.74
C GLY B 123 -2.25 -13.10 6.83
N ASP B 124 -1.59 -13.38 7.94
CA ASP B 124 -2.18 -14.29 8.95
C ASP B 124 -3.42 -13.76 9.72
N LYS B 125 -3.85 -12.49 9.53
CA LYS B 125 -5.14 -12.06 10.08
C LYS B 125 -6.27 -12.09 9.06
N CYS B 126 -6.05 -12.64 7.86
CA CYS B 126 -7.08 -12.54 6.83
C CYS B 126 -8.32 -13.38 7.12
N GLY B 127 -8.20 -14.41 7.96
CA GLY B 127 -9.19 -15.49 8.00
C GLY B 127 -8.95 -16.45 6.85
N LYS B 128 -8.26 -17.54 7.17
CA LYS B 128 -7.53 -18.30 6.18
C LYS B 128 -8.39 -19.37 5.55
N THR B 129 -9.58 -19.58 6.14
CA THR B 129 -10.59 -20.51 5.58
C THR B 129 -11.64 -19.75 4.79
N MET B 130 -11.68 -20.00 3.48
CA MET B 130 -12.66 -19.38 2.57
C MET B 130 -12.55 -17.88 2.72
N THR B 131 -11.31 -17.40 2.65
CA THR B 131 -11.03 -15.99 2.87
C THR B 131 -11.93 -15.12 1.98
N LYS B 132 -12.49 -14.08 2.58
CA LYS B 132 -13.38 -13.12 1.89
C LYS B 132 -12.70 -12.03 1.06
N ASP B 133 -13.49 -11.38 0.21
CA ASP B 133 -12.97 -10.30 -0.66
C ASP B 133 -12.56 -9.06 0.14
N ASP B 134 -13.36 -8.69 1.17
CA ASP B 134 -13.03 -7.65 2.11
C ASP B 134 -12.66 -8.15 3.49
N THR B 135 -11.41 -7.91 3.92
CA THR B 135 -10.94 -8.42 5.18
C THR B 135 -9.68 -7.65 5.63
N ILE B 136 -9.07 -8.08 6.73
CA ILE B 136 -7.77 -7.48 7.11
C ILE B 136 -6.66 -7.89 6.14
N MET B 137 -5.91 -6.91 5.63
CA MET B 137 -4.77 -7.17 4.77
C MET B 137 -3.46 -6.86 5.49
N ASN B 138 -2.79 -7.90 6.00
CA ASN B 138 -1.50 -7.75 6.64
C ASN B 138 -0.40 -8.62 6.00
N PRO B 139 -0.06 -8.37 4.75
CA PRO B 139 0.90 -9.22 4.03
C PRO B 139 2.27 -9.25 4.69
N SER B 140 2.90 -10.40 4.70
CA SER B 140 4.16 -10.58 5.39
C SER B 140 5.28 -10.61 4.35
N THR B 141 4.99 -10.28 3.12
CA THR B 141 6.06 -10.16 2.10
C THR B 141 6.02 -8.80 1.46
N VAL B 142 7.19 -8.30 1.06
CA VAL B 142 7.21 -7.02 0.31
C VAL B 142 6.38 -7.14 -0.98
N TYR B 143 6.43 -8.29 -1.64
CA TYR B 143 5.57 -8.53 -2.81
C TYR B 143 4.11 -8.23 -2.44
N GLY B 144 3.66 -8.86 -1.37
CA GLY B 144 2.31 -8.65 -0.91
C GLY B 144 1.93 -7.22 -0.55
N VAL B 145 2.84 -6.53 0.16
CA VAL B 145 2.73 -5.12 0.47
C VAL B 145 2.56 -4.29 -0.81
N THR B 146 3.38 -4.53 -1.84
CA THR B 146 3.24 -3.84 -3.12
C THR B 146 1.93 -4.17 -3.86
N LYS B 147 1.38 -5.34 -3.60
CA LYS B 147 0.12 -5.71 -4.23
C LYS B 147 -1.10 -5.11 -3.56
N VAL B 148 -1.10 -5.04 -2.23
CA VAL B 148 -2.14 -4.22 -1.52
C VAL B 148 -2.15 -2.75 -2.09
N TYR B 149 -0.97 -2.18 -2.22
CA TYR B 149 -0.78 -0.86 -2.83
C TYR B 149 -1.41 -0.79 -4.23
N THR B 150 -1.10 -1.79 -5.04
CA THR B 150 -1.66 -1.92 -6.36
C THR B 150 -3.20 -1.93 -6.35
N GLU B 151 -3.76 -2.82 -5.56
CA GLU B 151 -5.21 -2.82 -5.34
C GLU B 151 -5.79 -1.45 -4.98
N LEU B 152 -5.16 -0.76 -4.04
CA LEU B 152 -5.76 0.46 -3.48
C LEU B 152 -5.57 1.60 -4.47
N LEU B 153 -4.45 1.56 -5.20
CA LEU B 153 -4.09 2.65 -6.09
C LEU B 153 -5.00 2.57 -7.34
N GLY B 154 -5.12 1.38 -7.87
CA GLY B 154 -6.02 1.15 -9.00
C GLY B 154 -7.43 1.55 -8.62
N THR B 155 -7.85 1.16 -7.44
CA THR B 155 -9.19 1.55 -7.01
C THR B 155 -9.34 3.07 -6.83
N TRP B 156 -8.32 3.73 -6.29
CA TRP B 156 -8.37 5.17 -6.21
C TRP B 156 -8.46 5.82 -7.64
N TYR B 157 -7.64 5.37 -8.61
CA TYR B 157 -7.85 5.76 -10.03
C TYR B 157 -9.27 5.56 -10.49
N ARG B 158 -9.90 4.47 -10.11
CA ARG B 158 -11.30 4.25 -10.45
C ARG B 158 -12.21 5.32 -9.81
N GLN B 159 -12.08 5.49 -8.50
CA GLN B 159 -12.93 6.39 -7.74
C GLN B 159 -12.72 7.83 -8.14
N LYS B 160 -11.48 8.27 -8.15
CA LYS B 160 -11.16 9.60 -8.53
C LYS B 160 -11.38 9.96 -10.01
N TYR B 161 -10.83 9.16 -10.94
CA TYR B 161 -10.81 9.58 -12.37
C TYR B 161 -11.83 8.83 -13.25
N GLY B 162 -12.53 7.87 -12.72
CA GLY B 162 -13.33 7.01 -13.56
C GLY B 162 -12.47 6.07 -14.38
N VAL B 163 -11.26 5.79 -13.90
CA VAL B 163 -10.49 4.72 -14.61
C VAL B 163 -11.19 3.35 -14.47
N ASP B 164 -11.39 2.62 -15.58
CA ASP B 164 -11.92 1.29 -15.53
C ASP B 164 -10.76 0.34 -15.19
N PHE B 165 -10.56 0.12 -13.89
CA PHE B 165 -9.50 -0.76 -13.38
C PHE B 165 -10.14 -2.00 -12.83
N ARG B 166 -9.62 -3.13 -13.25
CA ARG B 166 -10.06 -4.40 -12.81
C ARG B 166 -8.92 -5.31 -12.38
N SER B 167 -9.21 -6.12 -11.36
CA SER B 167 -8.23 -6.97 -10.78
C SER B 167 -8.84 -8.18 -10.15
N VAL B 168 -8.04 -9.27 -10.19
CA VAL B 168 -8.32 -10.44 -9.42
C VAL B 168 -7.11 -10.72 -8.55
N ARG B 169 -7.35 -11.31 -7.39
CA ARG B 169 -6.28 -11.88 -6.60
C ARG B 169 -6.08 -13.25 -7.10
N LEU B 170 -5.03 -13.46 -7.87
CA LEU B 170 -4.77 -14.77 -8.42
C LEU B 170 -4.35 -15.72 -7.31
N PRO B 171 -4.81 -16.99 -7.34
CA PRO B 171 -4.10 -18.03 -6.53
C PRO B 171 -2.79 -18.48 -7.19
N GLY B 172 -2.19 -19.52 -6.68
CA GLY B 172 -1.03 -20.07 -7.34
C GLY B 172 -1.41 -20.63 -8.67
N ILE B 173 -0.76 -20.18 -9.73
CA ILE B 173 -1.13 -20.56 -11.09
C ILE B 173 -0.20 -21.63 -11.62
N ILE B 174 -0.76 -22.70 -12.17
CA ILE B 174 0.02 -23.82 -12.65
C ILE B 174 -0.07 -23.88 -14.18
N SER B 175 1.09 -24.07 -14.81
CA SER B 175 1.18 -24.23 -16.26
C SER B 175 2.51 -24.81 -16.69
N ALA B 176 2.54 -25.24 -17.95
CA ALA B 176 3.70 -25.95 -18.49
C ALA B 176 4.60 -25.12 -19.38
N ALA B 177 4.02 -24.14 -20.08
CA ALA B 177 4.72 -23.41 -21.14
C ALA B 177 5.98 -22.73 -20.63
N THR B 178 5.79 -21.76 -19.74
CA THR B 178 6.91 -20.96 -19.28
C THR B 178 7.05 -21.17 -17.77
N LEU B 179 8.30 -21.51 -17.40
CA LEU B 179 8.71 -21.72 -16.03
C LEU B 179 8.43 -20.49 -15.13
N PRO B 180 8.07 -20.73 -13.87
CA PRO B 180 7.65 -19.69 -12.93
C PRO B 180 8.74 -18.70 -12.49
N GLY B 181 8.33 -17.52 -12.01
CA GLY B 181 9.24 -16.39 -11.69
C GLY B 181 9.82 -16.24 -10.28
N GLY B 182 9.78 -17.28 -9.45
CA GLY B 182 10.28 -17.19 -8.09
C GLY B 182 9.21 -16.83 -7.06
N GLY B 183 8.09 -17.55 -7.16
CA GLY B 183 7.05 -17.49 -6.16
C GLY B 183 7.08 -18.73 -5.28
N ALA B 184 6.23 -18.67 -4.26
CA ALA B 184 6.11 -19.70 -3.24
C ALA B 184 5.39 -20.95 -3.73
N THR B 185 4.63 -20.85 -4.81
CA THR B 185 3.96 -22.05 -5.39
C THR B 185 4.70 -22.71 -6.56
N ASP B 186 5.93 -22.30 -6.85
CA ASP B 186 6.69 -22.88 -7.94
C ASP B 186 7.01 -24.31 -7.70
N TYR B 187 7.05 -24.75 -6.44
CA TYR B 187 7.33 -26.18 -6.13
C TYR B 187 6.35 -27.06 -6.90
N ALA B 188 5.10 -26.64 -7.04
CA ALA B 188 4.12 -27.45 -7.71
C ALA B 188 4.67 -27.83 -9.09
N ILE B 189 4.96 -26.80 -9.91
CA ILE B 189 5.38 -26.95 -11.30
C ILE B 189 6.62 -27.83 -11.34
N HIS B 190 7.54 -27.59 -10.41
CA HIS B 190 8.78 -28.34 -10.38
C HIS B 190 8.59 -29.79 -10.01
N MET B 191 7.55 -30.10 -9.25
CA MET B 191 7.34 -31.48 -8.87
C MET B 191 6.99 -32.33 -10.11
N TYR B 192 6.28 -31.74 -11.08
CA TYR B 192 5.96 -32.41 -12.37
C TYR B 192 7.26 -32.78 -13.17
N HIS B 193 8.18 -31.83 -13.26
CA HIS B 193 9.49 -32.02 -13.90
C HIS B 193 10.38 -33.10 -13.21
N SER B 194 10.35 -33.12 -11.88
CA SER B 194 11.09 -34.11 -11.12
C SER B 194 10.57 -35.50 -11.45
N ALA B 195 9.27 -35.68 -11.33
CA ALA B 195 8.64 -36.95 -11.69
C ALA B 195 9.02 -37.45 -13.10
N LEU B 196 8.85 -36.61 -14.11
CA LEU B 196 9.20 -36.99 -15.48
C LEU B 196 10.70 -37.30 -15.65
N LEU B 197 11.56 -36.55 -14.96
CA LEU B 197 12.97 -36.83 -15.01
C LEU B 197 13.33 -37.96 -14.06
N GLN B 198 12.32 -38.49 -13.35
CA GLN B 198 12.56 -39.44 -12.25
C GLN B 198 13.65 -39.03 -11.27
N LYS B 199 13.66 -37.76 -10.87
CA LYS B 199 14.63 -37.31 -9.87
C LYS B 199 13.89 -36.90 -8.59
N LYS B 200 14.64 -36.71 -7.50
CA LYS B 200 14.02 -36.46 -6.19
C LYS B 200 13.64 -35.00 -6.10
N CYS B 201 12.41 -34.76 -5.67
CA CYS B 201 11.90 -33.39 -5.55
C CYS B 201 12.28 -32.89 -4.20
N VAL B 202 12.95 -31.74 -4.18
CA VAL B 202 13.21 -31.01 -2.96
C VAL B 202 12.09 -29.98 -2.82
N CYS B 203 11.08 -30.27 -2.02
CA CYS B 203 9.97 -29.32 -1.86
C CYS B 203 10.11 -28.39 -0.61
N PRO B 204 10.23 -27.09 -0.83
CA PRO B 204 10.47 -26.15 0.29
C PRO B 204 9.21 -25.82 1.08
N VAL B 205 8.05 -26.22 0.54
CA VAL B 205 6.76 -26.06 1.22
C VAL B 205 6.39 -27.33 2.03
N LEU B 206 5.87 -27.14 3.23
CA LEU B 206 5.54 -28.29 4.08
C LEU B 206 4.35 -29.08 3.52
N PRO B 207 4.32 -30.38 3.80
CA PRO B 207 3.55 -31.36 3.02
C PRO B 207 2.05 -31.18 3.03
N TYR B 208 1.53 -30.60 4.10
CA TYR B 208 0.10 -30.41 4.28
C TYR B 208 -0.29 -28.92 4.28
N GLU B 209 0.57 -28.10 3.68
CA GLU B 209 0.27 -26.66 3.58
C GLU B 209 -0.64 -26.45 2.38
N SER B 210 -1.90 -26.23 2.69
CA SER B 210 -2.88 -25.98 1.66
C SER B 210 -2.81 -24.56 1.17
N LEU B 211 -2.97 -24.42 -0.13
CA LEU B 211 -3.10 -23.13 -0.80
C LEU B 211 -4.11 -23.16 -1.94
N PRO B 212 -4.82 -22.04 -2.16
CA PRO B 212 -5.57 -21.86 -3.40
C PRO B 212 -4.62 -21.93 -4.59
N MET B 213 -5.05 -22.68 -5.60
CA MET B 213 -4.36 -22.87 -6.83
C MET B 213 -5.42 -22.87 -7.99
N MET B 214 -4.95 -22.73 -9.22
CA MET B 214 -5.78 -22.88 -10.40
C MET B 214 -4.88 -23.32 -11.57
N TYR B 215 -5.44 -24.11 -12.48
CA TYR B 215 -4.70 -24.47 -13.71
C TYR B 215 -4.92 -23.39 -14.77
N MET B 216 -3.88 -23.06 -15.51
CA MET B 216 -3.91 -22.01 -16.56
C MET B 216 -5.17 -21.83 -17.44
N PRO B 217 -5.68 -22.93 -18.08
CA PRO B 217 -6.80 -22.68 -18.98
C PRO B 217 -7.94 -21.99 -18.30
N ASP B 218 -8.24 -22.35 -17.06
CA ASP B 218 -9.26 -21.71 -16.27
C ASP B 218 -8.87 -20.27 -16.00
N THR B 219 -7.59 -20.06 -15.71
CA THR B 219 -7.10 -18.74 -15.48
C THR B 219 -7.26 -17.83 -16.73
N LEU B 220 -6.89 -18.36 -17.88
CA LEU B 220 -7.02 -17.60 -19.14
C LEU B 220 -8.47 -17.21 -19.37
N ASN B 221 -9.39 -18.17 -19.25
CA ASN B 221 -10.84 -17.90 -19.28
C ASN B 221 -11.28 -16.74 -18.38
N SER B 222 -10.92 -16.77 -17.11
CA SER B 222 -11.33 -15.69 -16.22
C SER B 222 -10.75 -14.32 -16.55
N LEU B 223 -9.48 -14.32 -16.98
CA LEU B 223 -8.83 -13.02 -17.30
C LEU B 223 -9.43 -12.29 -18.53
N VAL B 224 -9.90 -13.06 -19.47
CA VAL B 224 -10.58 -12.55 -20.64
C VAL B 224 -12.02 -12.17 -20.22
N LYS B 225 -12.63 -13.01 -19.39
CA LYS B 225 -14.02 -12.79 -18.99
C LYS B 225 -14.24 -11.52 -18.14
N ILE B 226 -13.36 -11.31 -17.15
CA ILE B 226 -13.51 -10.10 -16.32
C ILE B 226 -13.28 -8.84 -17.18
N MET B 227 -12.39 -8.94 -18.16
CA MET B 227 -12.22 -7.83 -19.11
C MET B 227 -13.36 -7.61 -20.12
N GLU B 228 -14.11 -8.66 -20.45
CA GLU B 228 -15.28 -8.55 -21.34
C GLU B 228 -16.48 -7.96 -20.66
N ALA B 229 -16.63 -8.21 -19.38
CA ALA B 229 -17.87 -7.85 -18.66
C ALA B 229 -18.16 -6.35 -18.78
N PRO B 230 -19.42 -6.01 -19.10
CA PRO B 230 -19.86 -4.62 -19.00
C PRO B 230 -19.56 -4.08 -17.62
N LEU B 231 -19.11 -2.84 -17.58
CA LEU B 231 -18.70 -2.26 -16.31
C LEU B 231 -19.85 -2.34 -15.26
N GLU B 232 -21.09 -2.18 -15.71
CA GLU B 232 -22.24 -2.14 -14.78
C GLU B 232 -22.48 -3.49 -14.12
N LYS B 233 -22.00 -4.56 -14.73
CA LYS B 233 -22.03 -5.85 -14.06
C LYS B 233 -21.08 -5.93 -12.86
N LEU B 234 -20.07 -5.05 -12.80
CA LEU B 234 -19.05 -5.17 -11.72
C LEU B 234 -19.46 -4.42 -10.48
N THR B 235 -19.52 -5.11 -9.34
CA THR B 235 -19.76 -4.43 -8.07
C THR B 235 -18.46 -4.01 -7.36
N ARG B 236 -17.29 -4.45 -7.86
CA ARG B 236 -16.00 -4.05 -7.20
C ARG B 236 -14.91 -4.06 -8.24
N THR B 237 -13.77 -3.55 -7.88
CA THR B 237 -12.62 -3.51 -8.72
C THR B 237 -11.66 -4.73 -8.53
N VAL B 238 -11.73 -5.36 -7.37
CA VAL B 238 -10.80 -6.41 -7.01
C VAL B 238 -11.55 -7.64 -6.48
N TYR B 239 -11.34 -8.78 -7.14
CA TYR B 239 -12.07 -10.01 -6.82
C TYR B 239 -11.16 -11.12 -6.48
N ASN B 240 -11.46 -11.86 -5.41
CA ASN B 240 -10.79 -13.15 -5.22
C ASN B 240 -11.25 -14.13 -6.34
N ILE B 241 -10.34 -14.97 -6.87
CA ILE B 241 -10.78 -16.10 -7.67
C ILE B 241 -9.94 -17.31 -7.30
N THR B 242 -10.55 -18.48 -7.22
CA THR B 242 -9.77 -19.67 -7.04
C THR B 242 -10.21 -20.81 -7.99
N GLY B 243 -9.34 -21.82 -8.07
CA GLY B 243 -9.66 -23.07 -8.76
C GLY B 243 -9.99 -24.12 -7.71
N PHE B 244 -8.98 -24.65 -7.03
CA PHE B 244 -9.17 -25.61 -5.95
C PHE B 244 -7.91 -25.50 -5.10
N SER B 245 -8.01 -25.81 -3.82
CA SER B 245 -6.87 -25.76 -2.95
C SER B 245 -6.16 -27.09 -2.97
N PHE B 246 -4.82 -27.08 -2.90
CA PHE B 246 -4.12 -28.31 -2.56
C PHE B 246 -2.84 -28.06 -1.78
N SER B 247 -2.37 -29.11 -1.12
CA SER B 247 -1.12 -29.12 -0.41
C SER B 247 -0.09 -29.93 -1.24
N PRO B 248 1.20 -29.84 -0.85
CA PRO B 248 2.16 -30.63 -1.65
C PRO B 248 1.86 -32.11 -1.60
N SER B 249 1.43 -32.62 -0.45
CA SER B 249 1.15 -34.06 -0.41
C SER B 249 0.00 -34.47 -1.34
N GLU B 250 -1.05 -33.68 -1.44
CA GLU B 250 -2.14 -34.04 -2.35
C GLU B 250 -1.61 -34.02 -3.77
N LEU B 251 -0.70 -33.10 -4.08
CA LEU B 251 -0.18 -33.00 -5.43
C LEU B 251 0.69 -34.19 -5.75
N ARG B 252 1.48 -34.64 -4.76
CA ARG B 252 2.29 -35.89 -4.89
C ARG B 252 1.40 -37.08 -5.34
N PHE B 253 0.32 -37.28 -4.60
CA PHE B 253 -0.61 -38.37 -4.83
C PHE B 253 -1.22 -38.28 -6.21
N SER B 254 -1.60 -37.08 -6.64
CA SER B 254 -2.16 -36.87 -7.99
C SER B 254 -1.15 -37.20 -9.13
N ILE B 255 0.13 -36.89 -8.94
CA ILE B 255 1.16 -37.27 -9.92
C ILE B 255 1.38 -38.79 -9.90
N GLU B 256 1.30 -39.36 -8.71
CA GLU B 256 1.41 -40.79 -8.52
C GLU B 256 0.25 -41.58 -9.15
N ARG B 257 -1.00 -41.15 -8.97
CA ARG B 257 -2.16 -41.78 -9.63
C ARG B 257 -1.90 -41.74 -11.13
N CYS B 258 -1.72 -40.54 -11.65
CA CYS B 258 -1.45 -40.36 -13.07
C CYS B 258 -0.23 -41.11 -13.63
N THR B 259 0.79 -41.38 -12.83
CA THR B 259 1.96 -42.09 -13.38
C THR B 259 1.96 -43.58 -13.04
N ASP B 260 0.93 -44.02 -12.32
CA ASP B 260 0.85 -45.36 -11.72
C ASP B 260 2.22 -45.83 -11.24
N ARG B 261 2.92 -44.93 -10.55
CA ARG B 261 4.29 -45.11 -10.10
C ARG B 261 4.58 -44.20 -8.93
N THR B 262 5.37 -44.67 -7.95
CA THR B 262 5.82 -43.86 -6.83
C THR B 262 6.66 -42.70 -7.28
N ILE B 263 6.45 -41.55 -6.67
CA ILE B 263 7.34 -40.40 -6.85
C ILE B 263 7.81 -39.89 -5.48
N GLU B 264 9.09 -39.53 -5.42
CA GLU B 264 9.86 -39.34 -4.18
C GLU B 264 10.05 -37.87 -3.89
N VAL B 265 9.40 -37.37 -2.86
CA VAL B 265 9.57 -35.96 -2.48
C VAL B 265 10.29 -35.90 -1.16
N GLU B 266 11.31 -35.08 -1.07
CA GLU B 266 11.93 -34.77 0.22
C GLU B 266 11.53 -33.35 0.60
N TYR B 267 10.97 -33.18 1.81
CA TYR B 267 10.51 -31.87 2.32
C TYR B 267 11.58 -31.17 3.16
N VAL B 268 12.04 -30.02 2.70
CA VAL B 268 13.15 -29.35 3.32
C VAL B 268 12.83 -27.89 3.21
N GLU B 269 12.18 -27.36 4.23
CA GLU B 269 11.81 -25.98 4.28
C GLU B 269 12.88 -25.00 3.72
N GLY B 270 12.41 -24.21 2.77
CA GLY B 270 13.06 -23.00 2.32
C GLY B 270 12.18 -21.81 2.65
N PRO B 271 12.51 -20.64 2.07
CA PRO B 271 11.77 -19.41 2.39
C PRO B 271 10.28 -19.43 1.97
N ALA B 272 9.95 -20.21 0.94
CA ALA B 272 8.56 -20.44 0.56
C ALA B 272 7.59 -20.93 1.68
N GLN B 273 8.09 -21.73 2.64
CA GLN B 273 7.19 -22.25 3.68
C GLN B 273 6.61 -21.22 4.59
N LYS B 274 7.43 -20.35 5.20
CA LYS B 274 6.82 -19.33 6.08
C LYS B 274 5.86 -18.43 5.28
N ILE B 275 6.25 -18.11 4.07
CA ILE B 275 5.48 -17.22 3.18
C ILE B 275 4.10 -17.90 2.93
N ALA B 276 4.13 -19.15 2.50
CA ALA B 276 2.88 -19.85 2.17
C ALA B 276 1.97 -20.09 3.36
N ASN B 277 2.57 -20.32 4.51
CA ASN B 277 1.82 -20.54 5.73
C ASN B 277 1.09 -19.29 6.23
N SER B 278 1.58 -18.12 5.82
CA SER B 278 0.92 -16.84 6.09
C SER B 278 -0.23 -16.56 5.14
N TRP B 279 -0.30 -17.28 4.06
CA TRP B 279 -1.42 -17.17 3.12
C TRP B 279 -2.73 -18.00 3.43
N PRO B 280 -3.85 -17.65 2.76
CA PRO B 280 -5.06 -18.44 2.90
C PRO B 280 -4.87 -19.92 2.55
N ASP B 281 -5.68 -20.75 3.23
CA ASP B 281 -5.90 -22.13 2.78
C ASP B 281 -6.83 -22.30 1.55
N SER B 282 -7.86 -21.44 1.50
CA SER B 282 -8.91 -21.45 0.48
C SER B 282 -9.52 -20.04 0.39
N LEU B 283 -10.03 -19.67 -0.79
CA LEU B 283 -10.64 -18.37 -0.99
C LEU B 283 -12.12 -18.53 -1.29
N ASP B 284 -12.91 -17.59 -0.79
CA ASP B 284 -14.27 -17.40 -1.23
C ASP B 284 -14.28 -16.44 -2.44
N ASP B 285 -14.64 -17.00 -3.56
CA ASP B 285 -14.72 -16.27 -4.80
C ASP B 285 -16.14 -16.21 -5.34
N SER B 286 -17.10 -16.19 -4.43
CA SER B 286 -18.49 -16.10 -4.85
C SER B 286 -18.86 -14.73 -5.53
N ASN B 287 -18.29 -13.62 -5.08
CA ASN B 287 -18.53 -12.38 -5.80
C ASN B 287 -18.13 -12.41 -7.27
N ALA B 288 -17.02 -13.07 -7.57
CA ALA B 288 -16.52 -13.18 -8.92
C ALA B 288 -17.46 -14.07 -9.76
N ARG B 289 -17.90 -15.18 -9.15
CA ARG B 289 -18.80 -16.13 -9.79
C ARG B 289 -20.07 -15.43 -10.16
N ASN B 290 -20.63 -14.66 -9.22
CA ASN B 290 -21.90 -13.99 -9.37
C ASN B 290 -21.88 -12.77 -10.32
N ASP B 291 -20.84 -11.92 -10.28
CA ASP B 291 -20.81 -10.66 -11.06
C ASP B 291 -20.50 -10.92 -12.51
N TRP B 292 -19.51 -11.76 -12.78
CA TRP B 292 -19.10 -11.94 -14.16
C TRP B 292 -18.82 -13.35 -14.56
N GLY B 293 -19.20 -14.33 -13.76
CA GLY B 293 -19.20 -15.71 -14.27
C GLY B 293 -17.92 -16.53 -14.14
N HIS B 294 -17.05 -16.18 -13.19
CA HIS B 294 -15.88 -17.00 -12.92
C HIS B 294 -16.28 -18.46 -12.71
N GLN B 295 -15.51 -19.33 -13.30
CA GLN B 295 -15.87 -20.72 -13.43
C GLN B 295 -14.58 -21.53 -13.61
N VAL B 296 -14.58 -22.74 -13.07
CA VAL B 296 -13.41 -23.56 -13.00
C VAL B 296 -13.70 -24.94 -13.57
N LYS B 297 -13.00 -25.32 -14.63
CA LYS B 297 -13.22 -26.60 -15.32
C LYS B 297 -12.24 -27.72 -14.91
N TYR B 298 -11.03 -27.42 -14.44
CA TYR B 298 -10.15 -28.51 -14.02
C TYR B 298 -10.14 -28.77 -12.54
N ASP B 299 -9.90 -30.04 -12.21
CA ASP B 299 -9.51 -30.44 -10.89
C ASP B 299 -8.07 -30.98 -10.96
N ILE B 300 -7.62 -31.55 -9.85
CA ILE B 300 -6.19 -31.80 -9.69
C ILE B 300 -5.65 -32.86 -10.67
N ASP B 301 -6.42 -33.92 -10.83
CA ASP B 301 -5.99 -35.01 -11.72
C ASP B 301 -6.09 -34.63 -13.20
N MET B 302 -7.14 -33.89 -13.58
CA MET B 302 -7.14 -33.33 -14.95
C MET B 302 -5.92 -32.46 -15.21
N MET B 303 -5.60 -31.57 -14.28
CA MET B 303 -4.37 -30.78 -14.40
C MET B 303 -3.10 -31.65 -14.48
N SER B 304 -2.97 -32.61 -13.60
CA SER B 304 -1.77 -33.45 -13.65
C SER B 304 -1.61 -34.19 -14.97
N GLU B 305 -2.71 -34.75 -15.49
CA GLU B 305 -2.64 -35.48 -16.78
C GLU B 305 -2.21 -34.58 -17.90
N ASP B 306 -2.83 -33.39 -17.96
CA ASP B 306 -2.40 -32.38 -18.92
C ASP B 306 -0.94 -31.91 -18.74
N MET B 307 -0.55 -31.70 -17.49
CA MET B 307 0.83 -31.25 -17.23
C MET B 307 1.88 -32.31 -17.58
N LEU B 308 1.60 -33.59 -17.27
CA LEU B 308 2.57 -34.64 -17.54
C LEU B 308 2.72 -34.88 -19.06
N ARG B 309 1.68 -34.62 -19.82
CA ARG B 309 1.77 -34.67 -21.28
C ARG B 309 2.51 -33.47 -21.89
N GLN B 310 2.16 -32.24 -21.51
CA GLN B 310 2.71 -31.05 -22.14
C GLN B 310 4.19 -30.78 -21.77
N ILE B 311 4.59 -31.08 -20.54
CA ILE B 311 5.98 -30.77 -20.18
C ILE B 311 7.03 -31.47 -21.06
N PRO B 312 6.82 -32.74 -21.39
CA PRO B 312 7.83 -33.36 -22.29
C PRO B 312 7.88 -32.70 -23.69
N ILE B 313 6.70 -32.54 -24.31
CA ILE B 313 6.55 -31.78 -25.57
C ILE B 313 7.21 -30.41 -25.58
N LEU B 314 6.90 -29.61 -24.56
CA LEU B 314 7.29 -28.20 -24.54
C LEU B 314 8.69 -27.97 -23.99
N HIS B 315 9.16 -28.84 -23.11
CA HIS B 315 10.53 -28.73 -22.57
C HIS B 315 11.47 -29.84 -23.00
N GLY B 316 10.96 -30.84 -23.73
CA GLY B 316 11.79 -31.90 -24.28
C GLY B 316 12.32 -32.87 -23.24
N LEU B 317 11.57 -33.08 -22.14
CA LEU B 317 11.94 -34.07 -21.11
C LEU B 317 11.38 -35.44 -21.54
N PRO B 318 11.76 -36.54 -20.82
CA PRO B 318 11.17 -37.89 -20.98
C PRO B 318 9.67 -37.93 -20.71
N SER B 319 8.99 -38.91 -21.31
CA SER B 319 7.54 -38.82 -21.48
C SER B 319 6.68 -39.84 -20.71
N LEU B 320 5.38 -39.55 -20.74
CA LEU B 320 4.29 -40.30 -20.09
C LEU B 320 4.34 -40.35 -18.56
PA NAD C . 3.19 19.79 6.83
O1A NAD C . 2.76 20.80 7.89
O2A NAD C . 2.76 19.89 5.39
O5B NAD C . 4.78 19.80 6.68
C5B NAD C . 5.41 18.75 5.91
C4B NAD C . 6.90 19.01 5.97
O4B NAD C . 7.67 18.06 5.12
C3B NAD C . 7.05 20.43 5.36
O3B NAD C . 7.95 21.18 6.18
C2B NAD C . 7.70 20.08 4.01
O2B NAD C . 8.57 21.11 3.55
C1B NAD C . 8.55 18.87 4.41
N9A NAD C . 8.86 18.19 3.17
C8A NAD C . 8.10 18.03 2.07
N7A NAD C . 8.79 17.33 1.18
C5A NAD C . 10.00 17.06 1.70
C6A NAD C . 11.13 16.41 1.24
N6A NAD C . 11.15 15.86 0.04
N1A NAD C . 12.21 16.33 2.03
C2A NAD C . 12.18 16.87 3.23
N3A NAD C . 11.14 17.52 3.72
C4A NAD C . 10.04 17.63 2.96
O3 NAD C . 2.76 18.29 7.36
PN NAD C . 2.49 17.96 8.97
O1N NAD C . 3.61 18.48 9.79
O2N NAD C . 1.11 18.30 9.37
O5D NAD C . 2.58 16.36 8.81
C5D NAD C . 3.77 15.66 9.19
C4D NAD C . 3.53 14.15 9.19
O4D NAD C . 2.50 13.91 10.14
C3D NAD C . 2.99 13.62 7.84
O3D NAD C . 3.43 12.26 7.61
C2D NAD C . 1.47 13.71 7.98
O2D NAD C . 0.85 12.78 7.09
C1D NAD C . 1.34 13.29 9.44
N1N NAD C . -0.02 13.70 9.95
C2N NAD C . -0.32 15.06 10.25
C3N NAD C . -1.60 15.38 10.73
C7N NAD C . -1.96 16.82 11.04
O7N NAD C . -3.29 17.13 11.18
N7N NAD C . -0.93 17.71 11.10
C4N NAD C . -2.60 14.40 10.89
C5N NAD C . -2.28 13.09 10.60
C6N NAD C . -1.01 12.71 10.14
C ACT D . 27.07 8.53 1.79
O ACT D . 27.03 7.27 1.83
OXT ACT D . 27.90 9.22 2.43
CH3 ACT D . 26.08 9.25 0.96
C ACT E . 23.65 19.29 16.71
O ACT E . 24.27 18.30 17.16
OXT ACT E . 22.68 19.81 17.31
CH3 ACT E . 24.12 19.84 15.41
C ACT F . 18.72 1.86 18.90
O ACT F . 18.93 0.86 18.23
OXT ACT F . 17.59 2.38 18.96
CH3 ACT F . 19.87 2.43 19.67
C ACT G . -16.89 16.95 21.89
O ACT G . -15.69 17.29 21.86
OXT ACT G . -17.75 17.45 21.13
CH3 ACT G . -17.33 15.89 22.84
C ACT H . 16.14 -3.37 1.75
O ACT H . 16.01 -3.99 2.83
OXT ACT H . 15.41 -2.38 1.51
CH3 ACT H . 17.19 -3.78 0.76
C ACT I . -4.98 13.85 8.04
O ACT I . -4.20 12.87 7.91
OXT ACT I . -5.01 14.83 7.23
CH3 ACT I . -5.94 13.85 9.18
C1 GOL J . 2.01 25.70 19.68
O1 GOL J . 1.49 25.01 18.54
C2 GOL J . 1.24 25.40 20.95
O2 GOL J . 0.93 24.02 21.12
C3 GOL J . -0.13 25.98 20.84
O3 GOL J . -0.84 25.17 19.90
C1 GOL K . 4.89 -6.51 16.87
O1 GOL K . 4.43 -7.55 17.71
C2 GOL K . 5.63 -5.59 17.81
O2 GOL K . 6.65 -6.29 18.59
C3 GOL K . 6.24 -4.55 16.90
O3 GOL K . 7.18 -3.87 17.70
C1 GOL L . 17.68 -7.18 15.01
O1 GOL L . 16.75 -6.96 16.05
C2 GOL L . 18.40 -5.87 14.73
O2 GOL L . 17.63 -4.68 14.97
C3 GOL L . 18.74 -5.85 13.29
O3 GOL L . 19.95 -6.50 13.08
NA NA M . -3.40 19.03 8.54
PA NAD N . 6.92 -13.90 -14.31
O1A NAD N . 6.69 -15.23 -14.94
O2A NAD N . 8.08 -13.72 -13.42
O5B NAD N . 6.92 -12.76 -15.49
C5B NAD N . 7.20 -11.37 -15.24
C4B NAD N . 7.60 -10.74 -16.52
O4B NAD N . 7.77 -9.33 -16.26
C3B NAD N . 8.98 -11.32 -16.95
O3B NAD N . 8.81 -11.86 -18.28
C2B NAD N . 9.87 -10.10 -16.91
O2B NAD N . 10.74 -10.09 -17.99
C1B NAD N . 8.87 -8.95 -17.05
N9A NAD N . 9.39 -7.74 -16.46
C8A NAD N . 10.13 -7.57 -15.34
N7A NAD N . 10.43 -6.26 -15.24
C5A NAD N . 9.89 -5.60 -16.28
C6A NAD N . 9.83 -4.29 -16.72
N6A NAD N . 10.43 -3.31 -16.05
N1A NAD N . 9.13 -4.00 -17.85
C2A NAD N . 8.54 -4.93 -18.59
N3A NAD N . 8.60 -6.18 -18.21
C4A NAD N . 9.24 -6.55 -17.06
O3 NAD N . 5.66 -13.43 -13.52
PN NAD N . 4.17 -14.08 -13.83
O1N NAD N . 3.74 -14.21 -15.23
O2N NAD N . 4.18 -15.30 -12.95
O5D NAD N . 3.17 -13.03 -13.08
C5D NAD N . 2.55 -12.04 -13.85
C4D NAD N . 1.65 -11.15 -13.00
O4D NAD N . 0.70 -12.02 -12.51
C3D NAD N . 2.44 -10.54 -11.79
O3D NAD N . 1.87 -9.25 -11.44
C2D NAD N . 2.21 -11.55 -10.70
O2D NAD N . 2.24 -10.95 -9.39
C1D NAD N . 0.79 -12.00 -11.04
N1N NAD N . 0.55 -13.27 -10.31
C2N NAD N . 1.10 -14.45 -10.79
C3N NAD N . 0.84 -15.63 -10.10
C7N NAD N . 1.43 -16.95 -10.61
O7N NAD N . 1.16 -18.08 -9.95
N7N NAD N . 2.31 -16.91 -11.62
C4N NAD N . 0.08 -15.64 -8.90
C5N NAD N . -0.46 -14.43 -8.40
C6N NAD N . -0.23 -13.23 -9.10
C ACT O . 1.73 -15.73 -5.74
O ACT O . 2.94 -16.12 -5.69
OXT ACT O . 1.39 -14.51 -5.93
CH3 ACT O . 0.67 -16.78 -5.55
C ACT P . 0.38 -6.13 12.84
O ACT P . -0.03 -5.64 11.78
OXT ACT P . -0.22 -7.13 13.24
CH3 ACT P . 1.57 -5.56 13.63
C1 GOL Q . 0.93 -24.69 -21.09
O1 GOL Q . 1.48 -23.47 -20.62
C2 GOL Q . -0.25 -24.98 -20.18
O2 GOL Q . -0.03 -26.14 -19.38
C3 GOL Q . -1.54 -25.14 -20.98
O3 GOL Q . -2.49 -24.48 -20.12
C1 GOL R . 6.53 -22.98 9.27
O1 GOL R . 7.96 -23.28 9.46
C2 GOL R . 5.85 -22.64 10.60
O2 GOL R . 6.29 -21.40 11.15
C3 GOL R . 4.37 -22.43 10.48
O3 GOL R . 3.84 -21.97 11.74
C1 GOL S . 12.99 6.11 -24.50
O1 GOL S . 13.70 6.16 -23.26
C2 GOL S . 12.43 7.51 -24.66
O2 GOL S . 11.19 7.57 -24.00
C3 GOL S . 12.29 7.87 -26.13
O3 GOL S . 13.30 8.87 -26.45
C1 GOL T . -16.06 -1.48 -10.46
O1 GOL T . -15.85 -0.47 -11.47
C2 GOL T . -17.26 -1.13 -9.55
O2 GOL T . -16.88 -0.42 -8.34
C3 GOL T . -18.30 -0.32 -10.33
O3 GOL T . -18.02 1.08 -10.27
C1 GOL U . -17.09 -8.67 1.28
O1 GOL U . -16.21 -9.78 1.45
C2 GOL U . -18.47 -9.06 0.75
O2 GOL U . -18.92 -8.05 -0.16
C3 GOL U . -18.47 -10.33 -0.08
O3 GOL U . -18.50 -11.51 0.74
NA NA V . 4.90 -18.75 -9.48
#